data_3C0Y
#
_entry.id   3C0Y
#
_cell.length_a   81.750
_cell.length_b   81.750
_cell.length_c   148.895
_cell.angle_alpha   90.00
_cell.angle_beta   90.00
_cell.angle_gamma   120.00
#
_symmetry.space_group_name_H-M   'P 32'
#
loop_
_entity.id
_entity.type
_entity.pdbx_description
1 polymer 'Histone deacetylase 7a'
2 non-polymer 'ZINC ION'
3 non-polymer 'POTASSIUM ION'
4 water water
#
_entity_poly.entity_id   1
_entity_poly.type   'polypeptide(L)'
_entity_poly.pdbx_seq_one_letter_code
;GSRAQSSPAAPASLSAPEPASQARVLSSSETPARTLPFTTGLIYDSVMLKHQCSCGDNSRHPEHAGRIQSIWSRLQERGL
RSQCECLRGRKASLEELQSVHSERHVLLYGTNPLSRLKLDNGKLAGLLAQRMFVMLPCGGVGVDTDTIWNELHSSNAARW
AAGSVTDLAFKVASRELKNGFAVVRPPGHHADHSTAMGFCFFNSVAIACRQLQQQSKASKILIVDWDVHHGNGTQQTFYQ
DPSVLYISLHRHDDGNFFPGSGAVDEVGAGSGEGFNVNVAWAGGLDPPMGDPEYLAAFRIVVMPIAREFSPDLVLVSAGF
DAAEGHPAPLGGYHVSAKCFGYMTQQLMNLAGGAVVLALEGGHDLTAICDASEACVAALLGNRVDPLSEEGWKQKPNLNA
IRSLEAVIRVHSKYWGCMQRLAS
;
_entity_poly.pdbx_strand_id   A,B,C
#
# COMPACT_ATOMS: atom_id res chain seq x y z
N THR A 35 21.86 -1.91 17.51
CA THR A 35 23.31 -1.58 17.19
C THR A 35 23.50 -0.22 16.46
N LEU A 36 22.93 -0.05 15.24
CA LEU A 36 23.02 1.26 14.53
C LEU A 36 22.72 2.39 15.51
N PRO A 37 23.56 3.43 15.52
CA PRO A 37 23.35 4.60 16.38
C PRO A 37 22.21 5.46 15.87
N PHE A 38 21.67 6.30 16.78
CA PHE A 38 20.53 7.22 16.48
C PHE A 38 19.42 6.55 15.69
N THR A 39 19.12 5.28 15.96
CA THR A 39 18.01 4.65 15.24
C THR A 39 16.68 4.74 16.05
N THR A 40 16.81 5.29 17.28
CA THR A 40 15.72 5.59 18.26
C THR A 40 15.40 7.10 18.40
N GLY A 41 14.15 7.52 18.18
CA GLY A 41 13.83 8.96 18.33
C GLY A 41 13.11 9.31 19.61
N LEU A 42 13.35 10.51 20.13
CA LEU A 42 12.58 11.13 21.18
C LEU A 42 11.86 12.38 20.64
N ILE A 43 10.62 12.60 21.09
CA ILE A 43 9.80 13.72 20.63
C ILE A 43 9.43 14.56 21.82
N TYR A 44 9.76 15.85 21.75
CA TYR A 44 9.39 16.78 22.77
C TYR A 44 9.47 18.22 22.24
N ASP A 45 8.55 19.05 22.70
CA ASP A 45 8.62 20.50 22.49
C ASP A 45 7.89 21.28 23.55
N SER A 46 8.43 22.44 23.85
CA SER A 46 7.86 23.33 24.84
C SER A 46 6.50 23.92 24.38
N VAL A 47 6.16 23.85 23.09
CA VAL A 47 4.76 24.15 22.67
C VAL A 47 3.73 23.48 23.62
N MET A 48 4.00 22.23 23.97
CA MET A 48 3.09 21.40 24.73
C MET A 48 2.95 21.73 26.21
N LEU A 49 3.87 22.52 26.76
CA LEU A 49 3.76 23.03 28.14
C LEU A 49 2.72 24.11 28.31
N LYS A 50 2.39 24.83 27.24
CA LYS A 50 1.46 25.97 27.35
C LYS A 50 -0.01 25.60 27.60
N HIS A 51 -0.35 24.32 27.48
CA HIS A 51 -1.73 23.85 27.70
C HIS A 51 -1.97 23.79 29.20
N GLN A 52 -2.55 24.85 29.74
CA GLN A 52 -2.67 25.02 31.19
C GLN A 52 -3.92 25.81 31.44
N CYS A 53 -4.67 25.43 32.46
CA CYS A 53 -5.80 26.24 32.87
C CYS A 53 -5.35 27.67 33.20
N SER A 54 -6.27 28.60 33.02
CA SER A 54 -5.99 30.00 33.39
C SER A 54 -6.10 30.32 34.91
N CYS A 55 -6.67 29.38 35.70
CA CYS A 55 -6.69 29.44 37.18
C CYS A 55 -5.28 29.36 37.78
N GLY A 56 -4.33 28.79 37.01
CA GLY A 56 -2.91 28.76 37.38
C GLY A 56 -2.56 27.92 38.61
N ASP A 57 -3.25 26.79 38.77
CA ASP A 57 -3.14 25.94 39.96
C ASP A 57 -3.13 24.45 39.61
N ASN A 58 -1.92 23.89 39.55
CA ASN A 58 -1.71 22.48 39.23
C ASN A 58 -2.36 21.47 40.19
N SER A 59 -2.81 21.93 41.36
CA SER A 59 -3.38 21.03 42.38
C SER A 59 -4.79 20.52 42.05
N ARG A 60 -5.56 21.26 41.26
CA ARG A 60 -6.85 20.73 40.82
C ARG A 60 -6.84 20.21 39.39
N HIS A 61 -5.64 20.09 38.82
CA HIS A 61 -5.46 19.80 37.37
C HIS A 61 -4.29 18.86 37.16
N PRO A 62 -4.51 17.55 37.39
CA PRO A 62 -3.47 16.56 37.40
C PRO A 62 -2.78 16.35 36.04
N GLU A 63 -3.49 16.60 34.94
CA GLU A 63 -2.85 16.58 33.61
C GLU A 63 -2.19 17.95 33.39
N HIS A 64 -1.09 18.19 34.10
CA HIS A 64 -0.34 19.47 34.02
C HIS A 64 0.99 19.36 33.24
N ALA A 65 1.48 20.51 32.76
CA ALA A 65 2.78 20.66 32.06
C ALA A 65 3.96 20.06 32.77
N GLY A 66 3.90 19.99 34.10
CA GLY A 66 4.97 19.43 34.89
C GLY A 66 5.25 17.98 34.51
N ARG A 67 4.17 17.24 34.14
CA ARG A 67 4.33 15.84 33.69
C ARG A 67 5.41 15.67 32.64
N ILE A 68 5.34 16.43 31.52
CA ILE A 68 6.28 16.18 30.44
C ILE A 68 7.67 16.83 30.62
N GLN A 69 7.71 17.91 31.38
CA GLN A 69 8.96 18.62 31.62
C GLN A 69 9.82 17.81 32.59
N SER A 70 9.19 17.34 33.68
CA SER A 70 9.89 16.53 34.65
C SER A 70 10.43 15.25 34.01
N ILE A 71 9.70 14.67 33.03
CA ILE A 71 10.25 13.54 32.23
C ILE A 71 11.42 13.87 31.31
N TRP A 72 11.32 15.00 30.61
CA TRP A 72 12.32 15.42 29.64
C TRP A 72 13.76 15.49 30.20
N SER A 73 13.85 16.05 31.39
CA SER A 73 15.12 16.25 32.04
C SER A 73 15.67 14.96 32.65
N ARG A 74 14.78 14.11 33.20
CA ARG A 74 15.16 12.76 33.62
C ARG A 74 15.90 12.03 32.50
N LEU A 75 15.47 12.24 31.26
CA LEU A 75 16.12 11.66 30.08
C LEU A 75 17.56 12.17 29.85
N GLN A 76 17.85 13.36 30.38
CA GLN A 76 19.16 13.99 30.21
C GLN A 76 20.13 13.57 31.31
N GLU A 77 19.75 13.86 32.55
CA GLU A 77 20.45 13.43 33.75
C GLU A 77 20.85 11.97 33.78
N ARG A 78 20.25 11.15 32.91
CA ARG A 78 20.53 9.74 32.94
C ARG A 78 21.28 9.32 31.67
N GLY A 79 21.43 10.25 30.74
CA GLY A 79 22.31 10.07 29.56
C GLY A 79 21.69 9.43 28.33
N LEU A 80 20.36 9.56 28.19
CA LEU A 80 19.68 8.83 27.13
C LEU A 80 19.36 9.70 25.93
N ARG A 81 19.12 10.99 26.19
CA ARG A 81 18.76 11.93 25.12
C ARG A 81 19.81 11.97 24.04
N SER A 82 21.08 11.96 24.46
CA SER A 82 22.22 12.10 23.56
C SER A 82 22.28 10.95 22.58
N GLN A 83 21.68 9.83 22.99
CA GLN A 83 21.73 8.58 22.24
C GLN A 83 20.62 8.50 21.22
N CYS A 84 19.72 9.48 21.26
CA CYS A 84 18.52 9.49 20.40
C CYS A 84 18.52 10.61 19.36
N GLU A 85 17.90 10.36 18.22
CA GLU A 85 17.57 11.42 17.29
C GLU A 85 16.45 12.21 17.99
N CYS A 86 16.80 13.33 18.64
CA CYS A 86 15.75 14.18 19.24
C CYS A 86 15.02 15.06 18.18
N LEU A 87 13.69 15.09 18.31
CA LEU A 87 12.84 15.81 17.38
C LEU A 87 11.91 16.76 18.14
N ARG A 88 11.52 17.85 17.49
CA ARG A 88 10.67 18.89 18.13
C ARG A 88 9.21 18.48 17.92
N GLY A 89 8.94 17.76 16.85
CA GLY A 89 7.58 17.57 16.34
C GLY A 89 7.13 18.73 15.45
N ARG A 90 5.82 18.76 15.22
CA ARG A 90 5.08 19.75 14.45
C ARG A 90 3.58 19.61 14.81
N LYS A 91 2.77 20.55 14.32
CA LYS A 91 1.30 20.50 14.42
C LYS A 91 0.68 19.59 13.40
N ALA A 92 -0.33 18.83 13.80
CA ALA A 92 -1.05 18.08 12.81
C ALA A 92 -1.85 19.07 11.97
N SER A 93 -2.06 18.74 10.69
CA SER A 93 -2.87 19.57 9.82
C SER A 93 -4.27 19.19 10.16
N LEU A 94 -5.25 20.00 9.73
CA LEU A 94 -6.68 19.67 9.95
C LEU A 94 -7.07 18.43 9.17
N GLU A 95 -6.43 18.22 8.03
CA GLU A 95 -6.62 16.97 7.27
C GLU A 95 -6.19 15.67 7.99
N GLU A 96 -5.04 15.70 8.64
CA GLU A 96 -4.59 14.60 9.46
C GLU A 96 -5.60 14.31 10.57
N LEU A 97 -6.01 15.36 11.28
CA LEU A 97 -6.99 15.22 12.36
C LEU A 97 -8.26 14.54 11.90
N GLN A 98 -8.71 14.94 10.72
CA GLN A 98 -9.92 14.38 10.12
C GLN A 98 -9.83 12.97 9.64
N SER A 99 -8.65 12.36 9.67
CA SER A 99 -8.57 10.94 9.39
C SER A 99 -9.22 10.16 10.56
N VAL A 100 -9.41 10.84 11.70
CA VAL A 100 -9.98 10.18 12.88
C VAL A 100 -11.20 10.93 13.38
N HIS A 101 -11.17 12.27 13.36
CA HIS A 101 -12.18 13.11 14.03
C HIS A 101 -13.11 13.82 13.01
N SER A 102 -14.32 14.17 13.46
CA SER A 102 -15.29 14.81 12.59
C SER A 102 -14.82 16.17 12.17
N GLU A 103 -15.38 16.68 11.07
CA GLU A 103 -15.05 18.06 10.71
C GLU A 103 -15.44 19.04 11.82
N ARG A 104 -16.58 18.86 12.51
CA ARG A 104 -16.92 19.83 13.58
C ARG A 104 -15.99 19.79 14.81
N HIS A 105 -15.56 18.59 15.22
CA HIS A 105 -14.55 18.46 16.33
C HIS A 105 -13.26 19.12 15.97
N VAL A 106 -12.82 18.87 14.75
CA VAL A 106 -11.57 19.47 14.27
C VAL A 106 -11.59 21.01 14.26
N LEU A 107 -12.61 21.58 13.64
CA LEU A 107 -12.80 23.06 13.67
C LEU A 107 -12.97 23.62 15.07
N LEU A 108 -13.70 22.90 15.94
CA LEU A 108 -13.80 23.30 17.36
C LEU A 108 -12.44 23.35 18.10
N TYR A 109 -11.65 22.30 18.02
CA TYR A 109 -10.45 22.20 18.88
C TYR A 109 -9.13 22.44 18.14
N GLY A 110 -9.21 22.41 16.80
CA GLY A 110 -8.05 22.61 15.91
C GLY A 110 -7.84 24.02 15.37
N THR A 111 -8.80 24.92 15.60
CA THR A 111 -8.63 26.29 15.10
C THR A 111 -8.67 27.31 16.23
N ASN A 112 -8.18 28.52 15.94
CA ASN A 112 -8.30 29.65 16.87
C ASN A 112 -9.07 30.90 16.35
N PRO A 113 -9.97 31.49 17.18
CA PRO A 113 -10.50 32.81 16.79
C PRO A 113 -9.49 33.94 17.14
N LEU A 114 -9.00 34.67 16.14
CA LEU A 114 -9.33 34.51 14.71
C LEU A 114 -8.11 34.08 13.89
N SER A 115 -8.24 32.94 13.25
CA SER A 115 -7.15 32.33 12.54
C SER A 115 -6.83 33.16 11.31
N ARG A 116 -5.60 33.07 10.85
CA ARG A 116 -5.27 33.48 9.49
C ARG A 116 -5.93 32.49 8.53
N LEU A 117 -6.84 31.67 9.06
CA LEU A 117 -7.40 30.54 8.33
C LEU A 117 -8.43 30.98 7.32
N LYS A 118 -8.31 30.36 6.15
CA LYS A 118 -9.28 30.55 5.09
C LYS A 118 -10.30 29.46 5.33
N LEU A 119 -11.36 29.81 6.08
CA LEU A 119 -12.56 28.99 6.22
C LEU A 119 -13.72 29.71 5.50
N ASP A 120 -14.57 28.94 4.85
CA ASP A 120 -15.76 29.49 4.23
C ASP A 120 -16.75 29.93 5.27
N ASN A 121 -17.60 30.86 4.87
CA ASN A 121 -18.51 31.50 5.78
C ASN A 121 -19.54 30.59 6.45
N GLY A 122 -19.97 29.53 5.79
CA GLY A 122 -20.85 28.58 6.46
C GLY A 122 -20.17 27.93 7.66
N LYS A 123 -18.91 27.52 7.52
CA LYS A 123 -18.11 27.01 8.67
C LYS A 123 -18.00 28.05 9.75
N LEU A 124 -17.70 29.29 9.34
CA LEU A 124 -17.54 30.40 10.29
C LEU A 124 -18.83 30.59 11.09
N ALA A 125 -19.94 30.54 10.38
CA ALA A 125 -21.25 30.67 10.95
C ALA A 125 -21.54 29.53 11.93
N GLY A 126 -21.06 28.33 11.65
CA GLY A 126 -21.34 27.16 12.51
C GLY A 126 -20.67 27.33 13.86
N LEU A 127 -19.43 27.81 13.85
CA LEU A 127 -18.65 28.11 15.02
C LEU A 127 -19.21 29.29 15.82
N LEU A 128 -20.10 30.08 15.20
CA LEU A 128 -20.82 31.13 15.96
C LEU A 128 -21.99 30.59 16.72
N ALA A 129 -22.62 29.51 16.22
CA ALA A 129 -23.77 28.84 16.90
C ALA A 129 -23.41 28.24 18.26
N GLN A 130 -22.13 27.93 18.42
CA GLN A 130 -21.62 27.46 19.68
C GLN A 130 -21.28 28.69 20.51
N ARG A 131 -22.31 29.35 21.07
CA ARG A 131 -22.14 30.39 22.10
C ARG A 131 -21.95 29.60 23.39
N MET A 132 -21.05 28.62 23.28
CA MET A 132 -21.02 27.41 24.10
C MET A 132 -20.61 27.58 25.56
N PHE A 133 -19.30 27.75 25.74
CA PHE A 133 -18.44 27.07 26.74
C PHE A 133 -18.89 26.65 28.15
N VAL A 134 -18.10 25.74 28.72
CA VAL A 134 -18.24 25.33 30.11
C VAL A 134 -17.28 26.08 31.04
N MET A 135 -17.88 26.73 32.03
CA MET A 135 -17.18 27.33 33.17
C MET A 135 -16.80 26.25 34.19
N LEU A 136 -15.53 26.27 34.59
CA LEU A 136 -15.05 25.37 35.63
C LEU A 136 -15.24 26.05 36.99
N PRO A 137 -15.32 25.24 38.07
CA PRO A 137 -15.37 25.77 39.43
C PRO A 137 -14.23 26.74 39.73
N CYS A 138 -13.08 26.55 39.07
CA CYS A 138 -11.92 27.44 39.25
C CYS A 138 -12.02 28.71 38.42
N GLY A 139 -13.10 28.82 37.62
CA GLY A 139 -13.33 29.94 36.68
C GLY A 139 -12.66 29.90 35.28
N GLY A 140 -11.90 28.85 35.01
CA GLY A 140 -11.27 28.69 33.71
C GLY A 140 -12.26 27.97 32.83
N VAL A 141 -11.99 27.99 31.54
CA VAL A 141 -12.88 27.37 30.57
C VAL A 141 -12.51 25.89 30.50
N GLY A 142 -13.48 25.03 30.26
CA GLY A 142 -13.24 23.59 30.04
C GLY A 142 -14.18 23.01 28.99
N VAL A 143 -13.87 21.81 28.50
CA VAL A 143 -14.90 21.02 27.81
C VAL A 143 -15.82 20.28 28.82
N ASP A 144 -15.25 19.85 29.93
CA ASP A 144 -16.00 19.24 31.04
C ASP A 144 -15.24 19.61 32.28
N THR A 145 -15.64 19.13 33.46
CA THR A 145 -14.93 19.55 34.72
C THR A 145 -13.43 19.28 34.71
N ASP A 146 -13.04 18.13 34.17
CA ASP A 146 -11.63 17.72 34.19
C ASP A 146 -10.80 18.21 33.01
N THR A 147 -11.47 18.37 31.86
CA THR A 147 -10.78 18.62 30.58
C THR A 147 -10.77 20.12 30.30
N ILE A 148 -9.64 20.74 30.57
CA ILE A 148 -9.53 22.17 30.57
C ILE A 148 -9.22 22.65 29.14
N TRP A 149 -9.51 23.92 28.87
CA TRP A 149 -9.22 24.59 27.62
C TRP A 149 -8.47 25.90 27.88
N ASN A 150 -7.25 26.02 27.42
CA ASN A 150 -6.64 27.34 27.34
C ASN A 150 -6.96 28.04 26.01
N GLU A 151 -7.56 29.22 26.07
CA GLU A 151 -8.07 29.85 24.89
C GLU A 151 -7.02 30.31 23.88
N LEU A 152 -5.78 30.45 24.33
CA LEU A 152 -4.62 30.82 23.44
C LEU A 152 -3.80 29.66 22.98
N HIS A 153 -3.66 28.68 23.86
CA HIS A 153 -2.61 27.67 23.75
C HIS A 153 -3.05 26.20 23.62
N SER A 154 -4.25 25.81 24.03
CA SER A 154 -4.60 24.39 24.03
C SER A 154 -4.74 23.79 22.61
N SER A 155 -5.20 24.56 21.64
CA SER A 155 -5.38 24.02 20.28
C SER A 155 -4.02 23.70 19.70
N ASN A 156 -3.06 24.60 19.90
CA ASN A 156 -1.69 24.36 19.44
C ASN A 156 -1.01 23.15 20.09
N ALA A 157 -1.09 23.02 21.41
CA ALA A 157 -0.54 21.87 22.14
C ALA A 157 -1.22 20.55 21.75
N ALA A 158 -2.54 20.52 21.58
CA ALA A 158 -3.18 19.27 21.20
C ALA A 158 -2.77 18.88 19.79
N ARG A 159 -2.81 19.83 18.85
CA ARG A 159 -2.36 19.54 17.48
C ARG A 159 -0.89 19.17 17.49
N TRP A 160 -0.08 19.78 18.34
CA TRP A 160 1.30 19.43 18.39
C TRP A 160 1.54 17.99 18.89
N ALA A 161 0.80 17.53 19.92
CA ALA A 161 0.93 16.12 20.43
C ALA A 161 0.59 15.19 19.28
N ALA A 162 -0.44 15.53 18.56
CA ALA A 162 -0.88 14.59 17.54
C ALA A 162 0.08 14.54 16.35
N GLY A 163 0.64 15.69 15.96
CA GLY A 163 1.50 15.68 14.79
C GLY A 163 2.87 15.16 15.11
N SER A 164 3.25 15.32 16.36
CA SER A 164 4.51 14.73 16.82
C SER A 164 4.50 13.20 16.79
N VAL A 165 3.42 12.58 17.27
CA VAL A 165 3.36 11.13 17.28
C VAL A 165 3.25 10.67 15.84
N THR A 166 2.50 11.39 15.02
CA THR A 166 2.44 11.05 13.60
C THR A 166 3.88 11.09 13.01
N ASP A 167 4.64 12.10 13.38
CA ASP A 167 5.94 12.34 12.76
C ASP A 167 6.97 11.33 13.25
N LEU A 168 7.09 11.15 14.58
CA LEU A 168 7.92 10.08 15.14
C LEU A 168 7.65 8.73 14.52
N ALA A 169 6.37 8.44 14.29
CA ALA A 169 5.96 7.19 13.65
C ALA A 169 6.34 7.05 12.15
N PHE A 170 6.26 8.13 11.38
CA PHE A 170 6.55 8.06 9.94
C PHE A 170 7.96 7.60 9.59
N LYS A 171 8.88 8.11 10.38
CA LYS A 171 10.28 7.76 10.37
C LYS A 171 10.50 6.27 10.59
N VAL A 172 9.87 5.73 11.66
CA VAL A 172 9.93 4.31 11.99
C VAL A 172 9.37 3.48 10.83
N ALA A 173 8.20 3.87 10.30
CA ALA A 173 7.62 3.27 9.07
C ALA A 173 8.49 3.30 7.80
N SER A 174 9.28 4.37 7.63
CA SER A 174 10.10 4.55 6.44
C SER A 174 11.31 3.64 6.60
N ARG A 175 11.52 3.32 7.88
CA ARG A 175 12.66 2.61 8.47
C ARG A 175 13.91 3.46 8.70
N GLU A 176 13.73 4.77 8.52
CA GLU A 176 14.79 5.73 8.81
C GLU A 176 15.11 5.82 10.30
N LEU A 177 14.26 5.20 11.14
CA LEU A 177 14.51 5.07 12.60
C LEU A 177 14.12 3.65 13.03
N LYS A 178 14.69 3.11 14.11
CA LYS A 178 14.26 1.71 14.43
C LYS A 178 12.93 1.72 15.23
N ASN A 179 12.91 2.51 16.30
CA ASN A 179 11.80 2.72 17.25
C ASN A 179 11.80 4.17 17.77
N GLY A 180 10.93 4.50 18.75
CA GLY A 180 10.94 5.83 19.38
C GLY A 180 9.94 6.09 20.48
N PHE A 181 10.09 7.22 21.19
CA PHE A 181 9.30 7.53 22.38
C PHE A 181 8.83 8.97 22.28
N ALA A 182 7.49 9.18 22.32
CA ALA A 182 6.86 10.51 22.23
C ALA A 182 6.43 11.07 23.56
N VAL A 183 7.14 12.11 24.00
CA VAL A 183 6.90 12.74 25.27
C VAL A 183 5.91 13.88 25.10
N VAL A 184 4.65 13.51 24.88
CA VAL A 184 3.60 14.42 24.46
C VAL A 184 2.47 14.63 25.48
N ARG A 185 1.91 15.82 25.43
CA ARG A 185 0.66 16.14 26.12
C ARG A 185 -0.06 17.25 25.34
N PRO A 186 -1.41 17.36 25.48
CA PRO A 186 -2.29 16.48 26.30
C PRO A 186 -2.35 15.05 25.75
N PRO A 187 -2.86 14.10 26.56
CA PRO A 187 -2.94 12.73 26.13
C PRO A 187 -4.03 12.57 25.07
N GLY A 188 -4.19 11.39 24.51
CA GLY A 188 -5.14 11.23 23.38
C GLY A 188 -6.17 10.13 23.37
N HIS A 189 -5.99 9.08 24.17
CA HIS A 189 -6.67 7.83 23.87
C HIS A 189 -8.15 7.77 24.29
N HIS A 190 -8.62 8.76 25.05
CA HIS A 190 -10.04 8.88 25.34
C HIS A 190 -10.82 9.72 24.29
N ALA A 191 -10.15 10.37 23.35
CA ALA A 191 -10.87 11.30 22.45
C ALA A 191 -11.41 10.45 21.32
N ASP A 192 -12.71 10.54 21.06
CA ASP A 192 -13.35 9.68 20.06
C ASP A 192 -13.67 10.62 18.87
N HIS A 193 -14.39 10.08 17.89
CA HIS A 193 -14.68 10.78 16.62
C HIS A 193 -15.10 12.28 16.79
N SER A 194 -16.02 12.52 17.71
CA SER A 194 -16.50 13.85 17.90
C SER A 194 -16.64 14.14 19.39
N THR A 195 -15.75 13.55 20.20
CA THR A 195 -15.79 13.71 21.66
C THR A 195 -14.40 13.92 22.27
N ALA A 196 -14.19 15.08 22.86
CA ALA A 196 -13.05 15.37 23.73
C ALA A 196 -13.52 15.04 25.16
N MET A 197 -12.66 14.37 25.95
CA MET A 197 -13.03 13.92 27.32
C MET A 197 -11.81 13.27 27.93
N GLY A 198 -11.74 13.21 29.27
CA GLY A 198 -10.67 12.48 29.91
C GLY A 198 -9.29 13.08 29.72
N PHE A 199 -9.22 14.41 29.61
CA PHE A 199 -7.96 15.12 29.42
C PHE A 199 -7.41 15.19 27.98
N CYS A 200 -8.19 14.60 27.05
CA CYS A 200 -7.81 14.29 25.66
C CYS A 200 -8.68 15.05 24.68
N PHE A 201 -8.08 15.48 23.57
CA PHE A 201 -8.83 16.25 22.53
C PHE A 201 -8.73 15.59 21.15
N PHE A 202 -7.49 15.20 20.76
CA PHE A 202 -7.32 14.41 19.59
C PHE A 202 -6.62 13.14 19.97
N ASN A 203 -7.00 12.06 19.31
CA ASN A 203 -6.42 10.79 19.61
C ASN A 203 -5.16 10.63 18.79
N SER A 204 -4.05 11.12 19.37
CA SER A 204 -2.75 11.19 18.71
C SER A 204 -2.31 9.88 18.15
N VAL A 205 -2.49 8.80 18.93
CA VAL A 205 -2.11 7.46 18.47
C VAL A 205 -2.92 6.98 17.30
N ALA A 206 -4.23 7.17 17.37
CA ALA A 206 -5.11 6.71 16.30
C ALA A 206 -4.88 7.47 14.97
N ILE A 207 -4.55 8.75 15.06
CA ILE A 207 -4.19 9.63 13.93
C ILE A 207 -2.92 9.14 13.27
N ALA A 208 -1.89 8.86 14.05
CA ALA A 208 -0.66 8.28 13.56
C ALA A 208 -0.90 6.96 12.84
N CYS A 209 -1.71 6.08 13.45
CA CYS A 209 -2.08 4.82 12.86
C CYS A 209 -2.66 5.01 11.46
N ARG A 210 -3.69 5.83 11.34
CA ARG A 210 -4.33 6.13 10.05
C ARG A 210 -3.41 6.74 9.01
N GLN A 211 -2.59 7.67 9.46
CA GLN A 211 -1.65 8.33 8.57
C GLN A 211 -0.66 7.29 7.99
N LEU A 212 0.04 6.57 8.88
CA LEU A 212 0.89 5.45 8.51
C LEU A 212 0.26 4.57 7.44
N GLN A 213 -1.02 4.28 7.58
CA GLN A 213 -1.66 3.33 6.72
C GLN A 213 -1.98 3.93 5.36
N GLN A 214 -2.19 5.24 5.35
CA GLN A 214 -2.42 5.96 4.11
C GLN A 214 -1.22 5.83 3.17
N GLN A 215 -0.05 6.02 3.78
CA GLN A 215 1.27 6.01 3.17
C GLN A 215 1.95 4.64 2.94
N SER A 216 1.37 3.55 3.42
CA SER A 216 1.87 2.22 3.11
C SER A 216 0.68 1.30 3.00
N LYS A 217 0.20 1.06 1.77
CA LYS A 217 -1.03 0.28 1.55
C LYS A 217 -0.93 -1.12 2.14
N ALA A 218 -2.06 -1.58 2.66
CA ALA A 218 -2.24 -2.93 3.19
C ALA A 218 -1.46 -3.21 4.48
N SER A 219 -0.73 -2.22 5.02
CA SER A 219 -0.06 -2.40 6.32
C SER A 219 -1.01 -2.71 7.51
N LYS A 220 -0.47 -3.45 8.48
CA LYS A 220 -1.23 -3.95 9.60
C LYS A 220 -0.59 -3.37 10.82
N ILE A 221 -1.43 -2.67 11.59
CA ILE A 221 -0.95 -1.93 12.72
C ILE A 221 -1.55 -2.50 14.03
N LEU A 222 -0.68 -2.69 15.02
CA LEU A 222 -1.03 -3.20 16.36
C LEU A 222 -0.91 -2.03 17.28
N ILE A 223 -1.98 -1.75 18.03
CA ILE A 223 -1.95 -0.73 19.10
C ILE A 223 -2.14 -1.44 20.43
N VAL A 224 -1.12 -1.27 21.26
CA VAL A 224 -1.07 -1.80 22.62
C VAL A 224 -1.31 -0.63 23.55
N ASP A 225 -2.36 -0.70 24.40
CA ASP A 225 -2.68 0.41 25.26
C ASP A 225 -2.47 -0.06 26.73
N TRP A 226 -1.39 0.35 27.39
CA TRP A 226 -1.19 -0.07 28.80
C TRP A 226 -1.47 1.00 29.85
N ASP A 227 -2.02 2.14 29.46
CA ASP A 227 -2.55 3.05 30.41
C ASP A 227 -3.63 2.26 31.23
N VAL A 228 -3.81 2.61 32.50
CA VAL A 228 -4.71 1.83 33.38
C VAL A 228 -6.18 1.99 32.99
N HIS A 229 -6.50 3.05 32.23
CA HIS A 229 -7.87 3.32 31.76
C HIS A 229 -8.03 2.77 30.34
N HIS A 230 -9.24 2.31 30.03
CA HIS A 230 -9.59 1.87 28.68
C HIS A 230 -9.50 3.07 27.70
N GLY A 231 -8.84 2.84 26.58
CA GLY A 231 -8.74 3.84 25.48
C GLY A 231 -9.96 3.72 24.60
N ASN A 232 -11.07 4.24 25.10
CA ASN A 232 -12.35 4.15 24.45
C ASN A 232 -12.28 4.76 23.07
N GLY A 233 -11.63 5.90 22.89
CA GLY A 233 -11.63 6.51 21.54
C GLY A 233 -10.91 5.64 20.50
N THR A 234 -9.80 5.06 20.91
CA THR A 234 -9.04 4.13 20.02
C THR A 234 -9.82 2.91 19.64
N GLN A 235 -10.44 2.24 20.63
CA GLN A 235 -11.32 1.09 20.41
C GLN A 235 -12.41 1.42 19.39
N GLN A 236 -13.07 2.54 19.56
CA GLN A 236 -14.14 2.94 18.67
C GLN A 236 -13.66 3.32 17.25
N THR A 237 -12.57 4.04 17.15
CA THR A 237 -12.02 4.39 15.86
C THR A 237 -11.82 3.10 15.03
N PHE A 238 -11.23 2.07 15.66
CA PHE A 238 -10.82 0.88 14.92
C PHE A 238 -11.69 -0.32 15.02
N TYR A 239 -12.85 -0.17 15.62
CA TYR A 239 -13.71 -1.28 15.99
C TYR A 239 -14.13 -2.17 14.83
N GLN A 240 -14.31 -1.59 13.63
CA GLN A 240 -14.83 -2.38 12.50
C GLN A 240 -13.77 -2.53 11.43
N ASP A 241 -12.51 -2.38 11.82
CA ASP A 241 -11.38 -2.32 10.92
C ASP A 241 -10.34 -3.48 11.16
N PRO A 242 -10.35 -4.56 10.32
CA PRO A 242 -9.41 -5.69 10.51
C PRO A 242 -7.97 -5.33 10.31
N SER A 243 -7.68 -4.12 9.84
CA SER A 243 -6.29 -3.75 9.55
C SER A 243 -5.50 -3.29 10.82
N VAL A 244 -6.25 -3.03 11.86
CA VAL A 244 -5.64 -2.55 13.11
C VAL A 244 -6.13 -3.48 14.23
N LEU A 245 -5.17 -3.98 15.00
CA LEU A 245 -5.47 -4.80 16.17
C LEU A 245 -5.26 -3.90 17.41
N TYR A 246 -6.32 -3.73 18.19
CA TYR A 246 -6.19 -2.95 19.41
C TYR A 246 -6.18 -3.91 20.64
N ILE A 247 -5.16 -3.80 21.46
CA ILE A 247 -5.08 -4.54 22.74
C ILE A 247 -4.94 -3.55 23.89
N SER A 248 -6.00 -3.48 24.70
CA SER A 248 -5.95 -2.65 25.91
C SER A 248 -5.84 -3.56 27.16
N LEU A 249 -4.96 -3.21 28.11
CA LEU A 249 -5.02 -3.73 29.47
C LEU A 249 -5.53 -2.58 30.29
N HIS A 250 -6.62 -2.79 31.02
CA HIS A 250 -7.11 -1.66 31.86
C HIS A 250 -7.83 -2.17 33.08
N ARG A 251 -7.88 -1.36 34.12
CA ARG A 251 -8.76 -1.66 35.23
C ARG A 251 -10.20 -1.51 34.75
N HIS A 252 -11.00 -2.54 34.91
CA HIS A 252 -12.37 -2.48 34.45
C HIS A 252 -13.37 -2.67 35.64
N ASP A 253 -13.22 -3.74 36.41
CA ASP A 253 -14.08 -3.91 37.63
C ASP A 253 -15.57 -3.73 37.33
N ASP A 254 -16.08 -4.50 36.38
CA ASP A 254 -17.50 -4.53 36.02
C ASP A 254 -18.13 -3.16 35.70
N GLY A 255 -17.41 -2.32 34.94
CA GLY A 255 -17.98 -1.07 34.43
C GLY A 255 -17.83 0.10 35.37
N ASN A 256 -17.17 -0.10 36.50
CA ASN A 256 -17.15 0.88 37.58
C ASN A 256 -15.83 1.66 37.74
N PHE A 257 -15.02 1.75 36.66
CA PHE A 257 -13.77 2.55 36.62
C PHE A 257 -13.74 3.44 35.32
N PHE A 258 -13.27 4.69 35.44
CA PHE A 258 -13.24 5.60 34.29
C PHE A 258 -12.56 4.90 33.09
N PRO A 259 -13.16 4.96 31.89
CA PRO A 259 -14.46 5.58 31.59
C PRO A 259 -15.71 4.66 31.57
N GLY A 260 -15.63 3.44 32.09
CA GLY A 260 -16.80 2.56 32.08
C GLY A 260 -16.90 1.68 30.85
N SER A 261 -15.92 1.84 29.97
CA SER A 261 -16.02 1.23 28.66
C SER A 261 -15.06 0.04 28.58
N GLY A 262 -15.20 -0.82 27.56
CA GLY A 262 -14.16 -1.80 27.27
C GLY A 262 -14.24 -3.13 28.03
N ALA A 263 -15.44 -3.70 28.06
CA ALA A 263 -15.65 -5.02 28.57
C ALA A 263 -15.01 -6.06 27.65
N VAL A 264 -14.67 -7.19 28.24
CA VAL A 264 -14.01 -8.27 27.56
C VAL A 264 -14.73 -8.81 26.34
N ASP A 265 -16.08 -8.73 26.30
CA ASP A 265 -16.87 -9.31 25.16
C ASP A 265 -16.90 -8.42 23.92
N GLU A 266 -16.39 -7.20 24.07
CA GLU A 266 -16.22 -6.28 22.97
C GLU A 266 -15.01 -6.68 22.15
N VAL A 267 -15.28 -7.43 21.10
CA VAL A 267 -14.22 -8.00 20.25
C VAL A 267 -14.01 -7.32 18.90
N GLY A 268 -14.81 -6.32 18.59
CA GLY A 268 -14.83 -5.77 17.24
C GLY A 268 -16.15 -6.15 16.54
N ALA A 269 -16.42 -5.57 15.38
CA ALA A 269 -17.67 -5.80 14.69
C ALA A 269 -17.44 -5.87 13.20
N GLY A 270 -18.30 -6.59 12.49
CA GLY A 270 -18.16 -6.65 11.04
C GLY A 270 -16.85 -7.26 10.62
N SER A 271 -16.22 -6.66 9.64
CA SER A 271 -14.90 -7.11 9.24
C SER A 271 -13.91 -7.14 10.38
N GLY A 272 -14.07 -6.24 11.35
CA GLY A 272 -13.08 -6.13 12.43
C GLY A 272 -13.33 -7.07 13.62
N GLU A 273 -14.28 -7.98 13.50
CA GLU A 273 -14.57 -8.91 14.60
C GLU A 273 -13.38 -9.76 14.94
N GLY A 274 -12.83 -9.62 16.16
CA GLY A 274 -11.66 -10.35 16.61
C GLY A 274 -10.42 -9.48 16.81
N PHE A 275 -10.47 -8.21 16.37
CA PHE A 275 -9.29 -7.45 16.26
C PHE A 275 -9.28 -6.36 17.33
N ASN A 276 -10.18 -6.47 18.31
CA ASN A 276 -10.24 -5.66 19.52
C ASN A 276 -10.12 -6.56 20.72
N VAL A 277 -9.03 -6.43 21.48
CA VAL A 277 -8.79 -7.27 22.68
C VAL A 277 -8.77 -6.43 23.95
N ASN A 278 -9.83 -6.57 24.76
CA ASN A 278 -9.92 -5.87 26.04
C ASN A 278 -9.46 -6.80 27.19
N VAL A 279 -8.25 -6.61 27.69
CA VAL A 279 -7.77 -7.31 28.88
C VAL A 279 -8.39 -6.55 30.04
N ALA A 280 -9.66 -6.84 30.30
CA ALA A 280 -10.43 -6.05 31.23
C ALA A 280 -10.26 -6.66 32.61
N TRP A 281 -9.46 -6.03 33.46
CA TRP A 281 -9.18 -6.53 34.78
C TRP A 281 -10.38 -6.37 35.71
N ALA A 282 -10.81 -7.45 36.35
CA ALA A 282 -11.97 -7.36 37.28
C ALA A 282 -11.58 -7.77 38.68
N GLY A 283 -12.36 -7.35 39.65
CA GLY A 283 -12.20 -7.90 41.00
C GLY A 283 -11.56 -6.90 41.92
N GLY A 284 -11.33 -5.69 41.42
CA GLY A 284 -10.89 -4.55 42.24
C GLY A 284 -9.42 -4.58 42.55
N LEU A 285 -9.09 -3.94 43.69
CA LEU A 285 -7.71 -3.64 44.12
C LEU A 285 -7.04 -4.68 45.04
N ASP A 286 -7.81 -5.68 45.46
CA ASP A 286 -7.36 -6.67 46.45
C ASP A 286 -7.56 -8.10 45.92
N PRO A 287 -6.48 -8.89 45.87
CA PRO A 287 -5.05 -8.67 46.13
C PRO A 287 -4.40 -7.59 45.26
N PRO A 288 -3.07 -7.39 45.38
CA PRO A 288 -2.47 -6.29 44.64
C PRO A 288 -2.29 -6.62 43.16
N MET A 289 -2.54 -5.62 42.31
CA MET A 289 -2.45 -5.74 40.85
C MET A 289 -1.19 -5.06 40.39
N GLY A 290 -0.25 -5.78 39.81
CA GLY A 290 1.07 -5.20 39.58
C GLY A 290 1.83 -6.02 38.57
N ASP A 291 3.15 -6.16 38.74
CA ASP A 291 4.00 -6.91 37.84
C ASP A 291 3.64 -8.33 37.51
N PRO A 292 3.30 -9.16 38.56
CA PRO A 292 3.07 -10.51 38.09
C PRO A 292 1.86 -10.60 37.16
N GLU A 293 0.87 -9.75 37.35
CA GLU A 293 -0.33 -9.78 36.53
C GLU A 293 -0.09 -9.29 35.06
N TYR A 294 0.67 -8.23 34.95
CA TYR A 294 1.03 -7.61 33.69
C TYR A 294 1.98 -8.51 32.92
N LEU A 295 2.95 -9.11 33.61
CA LEU A 295 3.87 -10.03 32.95
C LEU A 295 3.06 -11.22 32.48
N ALA A 296 2.13 -11.70 33.32
CA ALA A 296 1.28 -12.83 32.85
C ALA A 296 0.40 -12.43 31.66
N ALA A 297 -0.16 -11.21 31.71
CA ALA A 297 -1.02 -10.77 30.61
C ALA A 297 -0.23 -10.75 29.28
N PHE A 298 1.01 -10.25 29.31
CA PHE A 298 1.92 -10.31 28.16
C PHE A 298 2.26 -11.69 27.67
N ARG A 299 2.62 -12.59 28.61
CA ARG A 299 2.96 -13.96 28.27
C ARG A 299 1.84 -14.67 27.60
N ILE A 300 0.62 -14.50 28.14
CA ILE A 300 -0.50 -15.35 27.78
C ILE A 300 -1.39 -14.78 26.70
N VAL A 301 -1.58 -13.45 26.72
CA VAL A 301 -2.52 -12.81 25.79
C VAL A 301 -1.80 -11.82 24.78
N VAL A 302 -1.05 -10.83 25.29
CA VAL A 302 -0.56 -9.75 24.40
C VAL A 302 0.37 -10.36 23.38
N MET A 303 1.43 -11.04 23.85
CA MET A 303 2.47 -11.43 22.92
C MET A 303 2.02 -12.48 21.96
N PRO A 304 1.35 -13.56 22.42
CA PRO A 304 0.86 -14.55 21.43
C PRO A 304 -0.15 -14.06 20.38
N ILE A 305 -1.13 -13.24 20.76
CA ILE A 305 -2.04 -12.69 19.78
C ILE A 305 -1.26 -11.75 18.86
N ALA A 306 -0.34 -10.97 19.41
CA ALA A 306 0.40 -9.98 18.62
C ALA A 306 1.22 -10.69 17.54
N ARG A 307 1.84 -11.81 17.90
CA ARG A 307 2.62 -12.58 16.92
C ARG A 307 1.77 -13.23 15.87
N GLU A 308 0.58 -13.66 16.24
CA GLU A 308 -0.34 -14.26 15.30
C GLU A 308 -0.84 -13.20 14.27
N PHE A 309 -1.11 -12.00 14.77
CA PHE A 309 -1.46 -10.87 13.93
C PHE A 309 -0.31 -10.47 13.01
N SER A 310 0.90 -10.46 13.55
CA SER A 310 2.13 -10.13 12.82
C SER A 310 2.09 -8.69 12.30
N PRO A 311 2.28 -7.67 13.19
CA PRO A 311 2.14 -6.28 12.72
C PRO A 311 3.35 -5.66 12.01
N ASP A 312 3.07 -4.75 11.10
CA ASP A 312 4.10 -3.99 10.38
C ASP A 312 4.71 -2.94 11.27
N LEU A 313 3.94 -2.48 12.26
CA LEU A 313 4.39 -1.47 13.20
C LEU A 313 3.55 -1.52 14.50
N VAL A 314 4.13 -1.17 15.63
CA VAL A 314 3.41 -1.26 16.90
C VAL A 314 3.42 0.11 17.48
N LEU A 315 2.23 0.63 17.76
CA LEU A 315 2.10 1.87 18.49
C LEU A 315 1.71 1.55 19.90
N VAL A 316 2.30 2.23 20.86
CA VAL A 316 1.86 2.04 22.24
C VAL A 316 1.28 3.29 22.88
N SER A 317 0.05 3.19 23.36
CA SER A 317 -0.51 4.17 24.23
C SER A 317 0.08 3.88 25.63
N ALA A 318 1.13 4.63 25.96
CA ALA A 318 1.97 4.28 27.07
C ALA A 318 1.67 5.22 28.19
N GLY A 319 0.56 4.97 28.90
CA GLY A 319 0.22 5.75 30.05
C GLY A 319 0.94 5.07 31.19
N PHE A 320 1.27 5.82 32.23
CA PHE A 320 1.94 5.19 33.42
C PHE A 320 1.14 5.25 34.70
N ASP A 321 -0.18 5.35 34.56
CA ASP A 321 -1.05 5.47 35.69
C ASP A 321 -1.36 4.17 36.44
N ALA A 322 -0.83 3.07 35.91
CA ALA A 322 -0.87 1.78 36.55
C ALA A 322 0.41 1.63 37.37
N ALA A 323 1.30 2.63 37.34
CA ALA A 323 2.50 2.61 38.19
C ALA A 323 2.18 2.75 39.68
N GLU A 324 2.99 2.05 40.48
CA GLU A 324 3.11 2.24 41.90
C GLU A 324 3.24 3.75 42.06
N GLY A 325 2.41 4.35 42.90
CA GLY A 325 2.45 5.80 43.07
C GLY A 325 1.10 6.48 42.86
N HIS A 326 0.20 5.79 42.17
CA HIS A 326 -1.16 6.27 42.01
C HIS A 326 -2.08 5.58 43.01
N PRO A 327 -2.74 6.37 43.89
CA PRO A 327 -3.66 5.91 44.96
C PRO A 327 -5.02 5.56 44.40
N ALA A 328 -5.80 4.78 45.16
CA ALA A 328 -7.13 4.32 44.71
C ALA A 328 -7.73 5.04 43.46
N PRO A 329 -8.19 6.31 43.61
CA PRO A 329 -9.06 6.96 42.60
C PRO A 329 -8.54 7.03 41.14
N LEU A 330 -7.25 7.26 40.96
CA LEU A 330 -6.68 7.34 39.62
C LEU A 330 -5.77 6.15 39.28
N GLY A 331 -6.01 5.00 39.96
CA GLY A 331 -5.17 3.81 39.78
C GLY A 331 -5.39 2.65 40.75
N GLY A 332 -4.53 2.61 41.77
CA GLY A 332 -4.53 1.54 42.75
C GLY A 332 -3.62 0.39 42.39
N TYR A 333 -2.86 0.52 41.32
CA TYR A 333 -2.08 -0.59 40.83
C TYR A 333 -0.64 -0.34 41.18
N HIS A 334 0.19 -1.35 40.96
CA HIS A 334 1.55 -1.31 41.46
C HIS A 334 2.52 -1.77 40.45
N VAL A 335 2.32 -1.39 39.18
CA VAL A 335 3.28 -1.82 38.16
C VAL A 335 4.55 -0.97 38.33
N SER A 336 5.69 -1.54 38.03
CA SER A 336 6.97 -0.91 38.33
C SER A 336 7.65 -0.46 37.05
N ALA A 337 8.56 0.50 37.19
CA ALA A 337 9.41 0.97 36.12
C ALA A 337 10.01 -0.14 35.31
N LYS A 338 10.66 -1.13 35.97
CA LYS A 338 11.30 -2.24 35.22
C LYS A 338 10.29 -3.09 34.43
N CYS A 339 9.11 -3.33 34.99
CA CYS A 339 8.05 -4.07 34.27
C CYS A 339 7.65 -3.31 32.98
N PHE A 340 7.44 -1.99 33.06
CA PHE A 340 7.25 -1.14 31.83
C PHE A 340 8.40 -1.25 30.89
N GLY A 341 9.62 -1.18 31.43
CA GLY A 341 10.78 -1.44 30.59
C GLY A 341 10.75 -2.78 29.89
N TYR A 342 10.38 -3.81 30.61
CA TYR A 342 10.43 -5.17 30.05
C TYR A 342 9.26 -5.36 29.04
N MET A 343 8.10 -4.79 29.37
CA MET A 343 6.99 -4.76 28.39
C MET A 343 7.42 -4.07 27.10
N THR A 344 8.08 -2.92 27.20
CA THR A 344 8.64 -2.27 25.98
C THR A 344 9.54 -3.24 25.24
N GLN A 345 10.44 -3.89 25.99
CA GLN A 345 11.45 -4.81 25.41
C GLN A 345 10.81 -6.00 24.66
N GLN A 346 9.73 -6.55 25.21
CA GLN A 346 9.07 -7.66 24.50
C GLN A 346 8.46 -7.20 23.19
N LEU A 347 7.82 -6.02 23.19
CA LEU A 347 7.12 -5.49 21.99
C LEU A 347 8.12 -5.24 20.84
N MET A 348 9.35 -4.93 21.21
CA MET A 348 10.50 -4.81 20.27
C MET A 348 10.80 -6.06 19.46
N ASN A 349 10.44 -7.22 19.99
CA ASN A 349 10.49 -8.44 19.17
C ASN A 349 9.47 -8.46 18.05
N LEU A 350 8.61 -7.45 17.98
CA LEU A 350 7.56 -7.50 16.96
C LEU A 350 7.84 -6.58 15.82
N ALA A 351 7.28 -6.89 14.66
CA ALA A 351 7.24 -5.94 13.56
C ALA A 351 8.65 -5.54 13.17
N GLY A 352 9.58 -6.49 13.15
CA GLY A 352 10.99 -6.12 12.79
C GLY A 352 11.62 -5.14 13.78
N GLY A 353 10.96 -4.89 14.91
CA GLY A 353 11.45 -3.85 15.84
C GLY A 353 10.76 -2.46 15.69
N ALA A 354 9.83 -2.34 14.77
CA ALA A 354 9.20 -0.98 14.56
C ALA A 354 8.14 -0.62 15.71
N VAL A 355 8.61 0.05 16.74
CA VAL A 355 7.85 0.35 17.97
C VAL A 355 7.92 1.83 18.34
N VAL A 356 6.76 2.45 18.55
CA VAL A 356 6.60 3.87 18.89
C VAL A 356 5.72 3.98 20.15
N LEU A 357 6.27 4.47 21.27
CA LEU A 357 5.43 4.75 22.44
C LEU A 357 5.06 6.22 22.43
N ALA A 358 3.81 6.48 22.81
CA ALA A 358 3.33 7.86 23.05
C ALA A 358 2.81 7.98 24.46
N LEU A 359 3.24 9.04 25.15
CA LEU A 359 2.75 9.33 26.45
C LEU A 359 1.23 9.49 26.45
N GLU A 360 0.59 8.79 27.38
CA GLU A 360 -0.82 8.98 27.68
C GLU A 360 -1.02 9.53 29.10
N GLY A 361 -1.55 8.71 30.01
CA GLY A 361 -1.81 9.20 31.38
C GLY A 361 -0.69 8.88 32.38
N GLY A 362 -0.92 9.12 33.65
CA GLY A 362 0.12 8.91 34.65
C GLY A 362 0.55 10.30 35.02
N HIS A 363 0.38 10.65 36.29
CA HIS A 363 0.77 11.99 36.83
C HIS A 363 1.64 12.04 38.10
N ASP A 364 1.97 10.90 38.71
CA ASP A 364 2.87 10.93 39.87
C ASP A 364 4.17 11.10 39.19
N LEU A 365 4.89 12.19 39.50
CA LEU A 365 6.08 12.54 38.68
C LEU A 365 7.25 11.59 38.79
N THR A 366 7.55 11.09 39.98
CA THR A 366 8.71 10.18 40.05
C THR A 366 8.39 8.86 39.31
N ALA A 367 7.18 8.34 39.55
CA ALA A 367 6.72 7.11 38.85
C ALA A 367 6.69 7.23 37.32
N ILE A 368 6.17 8.34 36.79
CA ILE A 368 6.19 8.51 35.33
C ILE A 368 7.62 8.71 34.81
N CYS A 369 8.48 9.38 35.60
CA CYS A 369 9.90 9.60 35.19
C CYS A 369 10.69 8.28 35.25
N ASP A 370 10.57 7.53 36.34
CA ASP A 370 11.14 6.15 36.42
C ASP A 370 10.62 5.28 35.25
N ALA A 371 9.29 5.23 35.11
CA ALA A 371 8.70 4.44 34.01
C ALA A 371 9.25 4.91 32.65
N SER A 372 9.30 6.22 32.37
CA SER A 372 9.78 6.65 31.02
C SER A 372 11.22 6.26 30.68
N GLU A 373 12.09 6.34 31.70
CA GLU A 373 13.55 6.10 31.63
C GLU A 373 13.78 4.64 31.27
N ALA A 374 13.08 3.79 32.03
CA ALA A 374 13.07 2.36 31.78
C ALA A 374 12.63 2.02 30.37
N CYS A 375 11.52 2.62 29.92
CA CYS A 375 11.07 2.40 28.56
C CYS A 375 12.12 2.89 27.58
N VAL A 376 12.72 4.02 27.88
CA VAL A 376 13.70 4.57 26.93
C VAL A 376 15.01 3.73 26.88
N ALA A 377 15.54 3.31 28.02
CA ALA A 377 16.72 2.37 28.02
C ALA A 377 16.38 1.17 27.17
N ALA A 378 15.18 0.63 27.44
CA ALA A 378 14.73 -0.58 26.76
C ALA A 378 14.74 -0.35 25.29
N LEU A 379 14.31 0.84 24.88
CA LEU A 379 14.20 1.14 23.44
C LEU A 379 15.54 1.13 22.67
N LEU A 380 16.58 1.54 23.38
CA LEU A 380 17.94 1.67 22.85
C LEU A 380 18.61 0.33 22.56
N GLY A 381 18.06 -0.74 23.16
CA GLY A 381 18.60 -2.09 23.03
C GLY A 381 19.11 -2.67 24.35
N ASN A 382 18.99 -1.90 25.43
CA ASN A 382 19.17 -2.45 26.76
C ASN A 382 18.15 -3.56 27.04
N ARG A 383 18.68 -4.66 27.58
CA ARG A 383 17.88 -5.81 28.02
C ARG A 383 17.72 -5.77 29.55
N VAL A 384 16.49 -6.02 30.04
CA VAL A 384 16.17 -6.25 31.45
C VAL A 384 16.32 -7.73 31.75
N ASP A 385 16.79 -8.01 32.97
CA ASP A 385 17.02 -9.37 33.45
C ASP A 385 15.84 -9.76 34.34
N PRO A 386 14.99 -10.67 33.85
CA PRO A 386 13.80 -11.11 34.57
C PRO A 386 14.13 -11.93 35.84
N LEU A 387 15.34 -12.50 35.87
CA LEU A 387 15.87 -13.21 37.06
C LEU A 387 16.19 -12.25 38.21
N SER A 388 16.49 -11.00 37.84
CA SER A 388 16.90 -9.97 38.83
C SER A 388 15.81 -9.58 39.83
N GLU A 389 14.56 -9.92 39.56
CA GLU A 389 13.48 -9.45 40.41
C GLU A 389 12.80 -10.62 41.11
N GLU A 390 12.85 -10.56 42.44
CA GLU A 390 12.34 -11.62 43.29
C GLU A 390 10.84 -11.53 43.29
N GLY A 391 10.36 -10.31 43.05
CA GLY A 391 8.93 -10.07 43.02
C GLY A 391 8.26 -10.72 41.82
N TRP A 392 9.05 -11.02 40.78
CA TRP A 392 8.56 -11.61 39.54
C TRP A 392 8.55 -13.15 39.62
N LYS A 393 8.85 -13.67 40.82
CA LYS A 393 8.71 -15.08 41.08
C LYS A 393 7.27 -15.38 41.56
N GLN A 394 6.58 -14.34 41.98
CA GLN A 394 5.22 -14.44 42.49
C GLN A 394 4.25 -14.75 41.33
N LYS A 395 3.25 -15.58 41.61
CA LYS A 395 2.22 -16.01 40.64
C LYS A 395 1.19 -14.91 40.49
N PRO A 396 0.61 -14.75 39.28
CA PRO A 396 -0.45 -13.76 39.18
C PRO A 396 -1.63 -14.04 40.12
N ASN A 397 -2.16 -13.01 40.75
CA ASN A 397 -3.31 -13.17 41.62
C ASN A 397 -4.52 -13.75 40.87
N LEU A 398 -5.49 -14.29 41.61
CA LEU A 398 -6.58 -15.08 41.01
C LEU A 398 -7.57 -14.23 40.24
N ASN A 399 -7.75 -13.00 40.69
CA ASN A 399 -8.56 -12.02 39.94
C ASN A 399 -7.99 -11.83 38.51
N ALA A 400 -6.68 -11.63 38.43
CA ALA A 400 -5.93 -11.60 37.17
C ALA A 400 -6.13 -12.82 36.29
N ILE A 401 -5.80 -13.99 36.82
CA ILE A 401 -6.07 -15.28 36.18
C ILE A 401 -7.50 -15.39 35.63
N ARG A 402 -8.45 -15.03 36.49
CA ARG A 402 -9.85 -15.07 36.14
C ARG A 402 -10.12 -14.12 34.96
N SER A 403 -9.72 -12.88 35.14
CA SER A 403 -9.81 -11.86 34.10
C SER A 403 -9.20 -12.38 32.80
N LEU A 404 -8.07 -13.07 32.85
CA LEU A 404 -7.42 -13.62 31.62
C LEU A 404 -8.16 -14.81 31.06
N GLU A 405 -8.75 -15.62 31.93
CA GLU A 405 -9.54 -16.76 31.51
C GLU A 405 -10.71 -16.28 30.64
N ALA A 406 -11.35 -15.21 31.06
CA ALA A 406 -12.42 -14.58 30.29
C ALA A 406 -11.86 -14.06 28.95
N VAL A 407 -10.66 -13.46 28.95
CA VAL A 407 -10.09 -13.02 27.68
C VAL A 407 -9.93 -14.19 26.78
N ILE A 408 -9.27 -15.24 27.29
CA ILE A 408 -9.07 -16.49 26.56
C ILE A 408 -10.35 -17.12 25.99
N ARG A 409 -11.34 -17.27 26.88
CA ARG A 409 -12.64 -17.85 26.54
C ARG A 409 -13.28 -17.07 25.41
N VAL A 410 -13.35 -15.75 25.53
CA VAL A 410 -13.84 -14.90 24.42
C VAL A 410 -13.02 -15.05 23.14
N HIS A 411 -11.69 -14.87 23.21
CA HIS A 411 -10.84 -14.78 21.99
C HIS A 411 -10.43 -16.14 21.34
N SER A 412 -10.71 -17.25 22.02
CA SER A 412 -10.55 -18.58 21.40
C SER A 412 -11.30 -18.72 20.06
N LYS A 413 -12.27 -17.87 19.78
CA LYS A 413 -13.07 -17.95 18.57
C LYS A 413 -12.30 -17.40 17.38
N TYR A 414 -11.37 -16.46 17.66
CA TYR A 414 -10.68 -15.67 16.67
C TYR A 414 -9.19 -15.98 16.56
N TRP A 415 -8.55 -16.39 17.63
CA TRP A 415 -7.10 -16.56 17.58
C TRP A 415 -6.65 -17.96 17.93
N GLY A 416 -5.79 -18.53 17.08
CA GLY A 416 -5.32 -19.92 17.26
C GLY A 416 -4.58 -20.12 18.57
N CYS A 417 -3.86 -19.11 19.02
CA CYS A 417 -3.06 -19.24 20.24
C CYS A 417 -3.95 -19.20 21.47
N MET A 418 -5.21 -18.77 21.29
CA MET A 418 -6.20 -18.76 22.38
C MET A 418 -7.02 -20.06 22.44
N GLN A 419 -6.84 -20.91 21.43
CA GLN A 419 -7.68 -22.10 21.29
C GLN A 419 -7.16 -23.33 22.00
N ARG A 420 -7.86 -23.66 23.09
CA ARG A 420 -7.88 -24.94 23.82
C ARG A 420 -6.76 -25.15 24.84
N PRO B 37 0.50 2.67 -8.31
CA PRO B 37 0.69 1.30 -7.84
C PRO B 37 -0.37 0.37 -8.40
N PHE B 38 -0.04 -0.90 -8.59
CA PHE B 38 -1.00 -1.87 -9.10
C PHE B 38 -2.06 -2.39 -8.06
N THR B 39 -2.88 -1.49 -7.49
CA THR B 39 -3.99 -1.92 -6.64
C THR B 39 -5.25 -1.38 -7.21
N THR B 40 -6.30 -1.42 -6.38
CA THR B 40 -7.59 -0.85 -6.73
C THR B 40 -7.58 0.66 -6.57
N GLY B 41 -8.26 1.30 -7.51
CA GLY B 41 -8.37 2.76 -7.51
C GLY B 41 -9.71 3.09 -6.92
N LEU B 42 -9.83 4.24 -6.27
CA LEU B 42 -11.12 4.71 -5.86
C LEU B 42 -11.17 6.10 -6.40
N ILE B 43 -12.35 6.54 -6.79
CA ILE B 43 -12.48 7.88 -7.30
C ILE B 43 -13.43 8.55 -6.36
N TYR B 44 -13.08 9.75 -5.91
CA TYR B 44 -14.04 10.57 -5.15
C TYR B 44 -13.57 12.00 -5.17
N ASP B 45 -14.53 12.91 -5.19
CA ASP B 45 -14.23 14.33 -5.06
C ASP B 45 -15.47 15.08 -4.58
N SER B 46 -15.26 16.00 -3.64
CA SER B 46 -16.31 16.87 -3.10
C SER B 46 -17.13 17.67 -4.15
N VAL B 47 -16.54 17.99 -5.31
CA VAL B 47 -17.25 18.72 -6.39
C VAL B 47 -18.59 18.03 -6.66
N MET B 48 -18.62 16.72 -6.51
CA MET B 48 -19.85 15.97 -6.78
C MET B 48 -20.89 16.11 -5.69
N LEU B 49 -20.48 16.61 -4.54
CA LEU B 49 -21.46 16.85 -3.46
C LEU B 49 -22.44 18.01 -3.76
N LYS B 50 -22.08 18.92 -4.66
CA LYS B 50 -22.84 20.19 -4.83
C LYS B 50 -24.07 20.10 -5.72
N HIS B 51 -24.14 19.00 -6.47
CA HIS B 51 -25.39 18.64 -7.12
C HIS B 51 -26.50 18.44 -6.10
N GLN B 52 -27.25 19.51 -5.86
CA GLN B 52 -28.36 19.50 -4.94
C GLN B 52 -29.40 20.54 -5.36
N CYS B 53 -30.66 20.17 -5.19
CA CYS B 53 -31.77 21.08 -5.29
C CYS B 53 -31.66 22.28 -4.35
N SER B 54 -32.12 23.41 -4.86
CA SER B 54 -32.01 24.69 -4.16
C SER B 54 -33.14 24.81 -3.15
N CYS B 55 -34.05 23.83 -3.15
CA CYS B 55 -35.09 23.74 -2.11
C CYS B 55 -34.56 23.27 -0.76
N GLY B 56 -33.30 22.80 -0.75
CA GLY B 56 -32.61 22.35 0.49
C GLY B 56 -32.91 20.93 1.01
N ASP B 57 -34.13 20.43 0.68
CA ASP B 57 -34.80 19.28 1.32
C ASP B 57 -34.45 17.90 0.76
N ASN B 58 -33.69 17.12 1.52
CA ASN B 58 -33.12 15.89 0.98
C ASN B 58 -33.99 14.65 1.11
N SER B 59 -35.17 14.82 1.71
CA SER B 59 -36.08 13.72 1.86
C SER B 59 -37.20 13.84 0.82
N ARG B 60 -37.07 14.84 -0.05
CA ARG B 60 -37.91 14.95 -1.23
C ARG B 60 -37.11 14.43 -2.43
N HIS B 61 -35.78 14.42 -2.25
CA HIS B 61 -34.76 14.13 -3.28
C HIS B 61 -33.76 13.00 -2.91
N PRO B 62 -34.13 11.73 -3.18
CA PRO B 62 -33.38 10.49 -2.90
C PRO B 62 -31.94 10.52 -3.37
N GLU B 63 -31.72 11.10 -4.56
CA GLU B 63 -30.39 11.11 -5.10
C GLU B 63 -29.63 12.28 -4.51
N HIS B 64 -29.10 12.11 -3.30
CA HIS B 64 -28.53 13.23 -2.54
C HIS B 64 -27.06 13.05 -2.25
N ALA B 65 -26.45 14.12 -1.77
CA ALA B 65 -24.99 14.18 -1.63
C ALA B 65 -24.50 13.20 -0.56
N GLY B 66 -25.41 12.89 0.37
CA GLY B 66 -25.11 11.91 1.42
C GLY B 66 -24.87 10.47 0.94
N ARG B 67 -25.32 10.16 -0.28
CA ARG B 67 -25.04 8.83 -0.84
C ARG B 67 -23.55 8.59 -0.97
N ILE B 68 -22.79 9.53 -1.50
CA ILE B 68 -21.38 9.28 -1.76
C ILE B 68 -20.52 9.65 -0.53
N GLN B 69 -20.94 10.70 0.22
CA GLN B 69 -20.19 11.08 1.44
C GLN B 69 -20.15 9.90 2.39
N SER B 70 -21.30 9.30 2.68
CA SER B 70 -21.32 8.12 3.52
C SER B 70 -20.57 6.89 3.00
N ILE B 71 -20.48 6.67 1.69
CA ILE B 71 -19.69 5.53 1.20
C ILE B 71 -18.21 5.81 1.45
N TRP B 72 -17.80 7.03 1.12
CA TRP B 72 -16.42 7.43 1.23
C TRP B 72 -15.83 7.39 2.67
N SER B 73 -16.69 7.65 3.67
CA SER B 73 -16.20 7.70 5.05
C SER B 73 -16.20 6.30 5.63
N ARG B 74 -17.21 5.55 5.25
CA ARG B 74 -17.35 4.15 5.58
C ARG B 74 -16.20 3.30 5.08
N LEU B 75 -15.58 3.71 3.99
CA LEU B 75 -14.45 2.98 3.44
C LEU B 75 -13.22 3.29 4.29
N GLN B 76 -13.13 4.49 4.86
CA GLN B 76 -12.03 4.82 5.78
C GLN B 76 -12.15 4.14 7.13
N GLU B 77 -13.37 4.14 7.68
CA GLU B 77 -13.65 3.54 8.99
C GLU B 77 -13.29 2.08 9.07
N ARG B 78 -13.56 1.38 7.96
CA ARG B 78 -13.35 -0.05 7.84
C ARG B 78 -11.98 -0.45 7.30
N GLY B 79 -11.11 0.54 7.15
CA GLY B 79 -9.73 0.32 6.70
C GLY B 79 -9.51 0.11 5.20
N LEU B 80 -10.55 0.27 4.40
CA LEU B 80 -10.45 -0.07 2.97
C LEU B 80 -9.81 1.05 2.18
N ARG B 81 -10.33 2.28 2.32
CA ARG B 81 -9.81 3.43 1.58
C ARG B 81 -8.30 3.55 1.43
N SER B 82 -7.56 3.26 2.49
CA SER B 82 -6.14 3.56 2.50
C SER B 82 -5.32 2.50 1.77
N GLN B 83 -5.94 1.35 1.49
CA GLN B 83 -5.30 0.25 0.77
C GLN B 83 -5.35 0.56 -0.73
N CYS B 84 -6.25 1.44 -1.09
CA CYS B 84 -6.51 1.75 -2.49
C CYS B 84 -5.72 2.96 -2.91
N GLU B 85 -5.64 3.19 -4.23
CA GLU B 85 -5.16 4.47 -4.74
C GLU B 85 -6.39 5.33 -4.93
N CYS B 86 -6.43 6.39 -4.13
CA CYS B 86 -7.52 7.34 -4.08
C CYS B 86 -7.28 8.46 -5.10
N LEU B 87 -8.21 8.63 -6.03
CA LEU B 87 -8.02 9.58 -7.10
C LEU B 87 -9.17 10.54 -6.98
N ARG B 88 -9.01 11.76 -7.50
CA ARG B 88 -10.10 12.77 -7.41
C ARG B 88 -10.91 12.78 -8.69
N GLY B 89 -10.25 12.43 -9.79
CA GLY B 89 -10.94 12.34 -11.08
C GLY B 89 -10.77 13.62 -11.85
N ARG B 90 -11.68 13.88 -12.79
CA ARG B 90 -11.63 15.09 -13.61
C ARG B 90 -12.92 15.31 -14.33
N LYS B 91 -13.12 16.52 -14.83
CA LYS B 91 -14.24 16.88 -15.70
C LYS B 91 -14.24 16.17 -17.09
N ALA B 92 -15.35 15.59 -17.54
CA ALA B 92 -15.41 15.17 -18.97
C ALA B 92 -15.29 16.38 -19.90
N SER B 93 -14.53 16.23 -20.98
CA SER B 93 -14.42 17.31 -22.00
C SER B 93 -15.70 17.31 -22.78
N LEU B 94 -16.01 18.43 -23.45
CA LEU B 94 -17.24 18.47 -24.27
C LEU B 94 -17.29 17.37 -25.39
N GLU B 95 -16.14 17.07 -25.99
CA GLU B 95 -16.01 15.97 -26.97
C GLU B 95 -16.27 14.57 -26.40
N GLU B 96 -15.74 14.30 -25.19
CA GLU B 96 -16.01 12.99 -24.53
C GLU B 96 -17.51 12.80 -24.34
N LEU B 97 -18.19 13.84 -23.87
CA LEU B 97 -19.68 13.86 -23.76
C LEU B 97 -20.39 13.62 -25.07
N GLN B 98 -19.97 14.34 -26.12
CA GLN B 98 -20.52 14.19 -27.48
C GLN B 98 -20.26 12.85 -28.13
N SER B 99 -19.33 12.04 -27.57
CA SER B 99 -19.13 10.66 -28.07
C SER B 99 -20.41 9.85 -27.83
N VAL B 100 -21.27 10.33 -26.94
CA VAL B 100 -22.42 9.53 -26.59
C VAL B 100 -23.67 10.37 -26.75
N HIS B 101 -23.56 11.67 -26.53
CA HIS B 101 -24.78 12.51 -26.42
C HIS B 101 -24.85 13.52 -27.58
N SER B 102 -26.04 13.99 -27.91
CA SER B 102 -26.13 14.92 -29.04
C SER B 102 -25.47 16.26 -28.67
N GLU B 103 -25.08 17.03 -29.70
CA GLU B 103 -24.53 18.37 -29.48
C GLU B 103 -25.44 19.24 -28.66
N ARG B 104 -26.74 19.16 -28.93
CA ARG B 104 -27.79 19.85 -28.21
C ARG B 104 -27.80 19.47 -26.72
N HIS B 105 -27.94 18.17 -26.41
CA HIS B 105 -27.82 17.65 -25.01
C HIS B 105 -26.58 18.19 -24.35
N VAL B 106 -25.45 18.06 -25.00
CA VAL B 106 -24.23 18.52 -24.39
C VAL B 106 -24.26 20.05 -24.15
N LEU B 107 -24.75 20.82 -25.12
CA LEU B 107 -24.84 22.25 -24.94
C LEU B 107 -25.70 22.62 -23.72
N LEU B 108 -26.85 21.98 -23.61
CA LEU B 108 -27.78 22.24 -22.53
C LEU B 108 -27.24 21.88 -21.12
N TYR B 109 -26.59 20.72 -20.98
CA TYR B 109 -26.19 20.22 -19.63
C TYR B 109 -24.67 20.30 -19.33
N GLY B 110 -23.89 20.61 -20.35
CA GLY B 110 -22.45 20.58 -20.28
C GLY B 110 -21.79 21.95 -20.24
N THR B 111 -22.56 23.02 -20.46
CA THR B 111 -21.97 24.36 -20.65
C THR B 111 -22.55 25.48 -19.78
N ASN B 112 -21.74 26.50 -19.47
CA ASN B 112 -22.27 27.69 -18.81
C ASN B 112 -23.35 28.30 -19.71
N PRO B 113 -24.51 28.65 -19.13
CA PRO B 113 -25.58 29.22 -19.95
C PRO B 113 -25.09 30.51 -20.62
N LEU B 114 -24.09 31.14 -20.03
CA LEU B 114 -23.54 32.36 -20.56
C LEU B 114 -22.61 32.11 -21.74
N SER B 115 -21.57 31.29 -21.54
CA SER B 115 -20.53 31.07 -22.55
C SER B 115 -21.00 30.21 -23.72
N VAL B 134 -37.95 23.21 -16.21
CA VAL B 134 -39.18 22.77 -15.53
C VAL B 134 -39.22 23.30 -14.12
N MET B 135 -40.31 23.98 -13.77
CA MET B 135 -40.58 24.41 -12.40
C MET B 135 -41.02 23.20 -11.59
N LEU B 136 -40.35 22.95 -10.48
CA LEU B 136 -40.65 21.79 -9.63
C LEU B 136 -41.66 22.20 -8.59
N PRO B 137 -42.50 21.25 -8.10
CA PRO B 137 -43.45 21.48 -7.01
C PRO B 137 -42.85 22.12 -5.75
N CYS B 138 -41.56 21.87 -5.52
CA CYS B 138 -40.80 22.40 -4.38
C CYS B 138 -40.23 23.76 -4.72
N GLY B 139 -40.31 24.12 -5.99
CA GLY B 139 -39.80 25.40 -6.43
C GLY B 139 -38.44 25.42 -7.09
N GLY B 140 -37.64 24.36 -6.92
CA GLY B 140 -36.40 24.23 -7.65
C GLY B 140 -36.69 24.09 -9.14
N VAL B 141 -35.64 24.18 -9.94
CA VAL B 141 -35.66 23.88 -11.37
C VAL B 141 -35.27 22.39 -11.53
N GLY B 142 -35.85 21.73 -12.51
CA GLY B 142 -35.54 20.33 -12.75
C GLY B 142 -35.65 20.01 -14.23
N VAL B 143 -35.13 18.88 -14.65
CA VAL B 143 -35.33 18.53 -16.02
C VAL B 143 -36.70 17.84 -16.11
N ASP B 144 -37.09 17.21 -15.01
CA ASP B 144 -38.42 16.65 -14.81
C ASP B 144 -38.60 16.59 -13.30
N THR B 145 -39.60 15.85 -12.81
CA THR B 145 -39.92 15.97 -11.37
C THR B 145 -38.97 15.34 -10.37
N ASP B 146 -38.15 14.39 -10.83
CA ASP B 146 -37.13 13.77 -9.98
C ASP B 146 -35.75 14.24 -10.36
N THR B 147 -35.53 14.52 -11.63
CA THR B 147 -34.20 14.88 -12.06
C THR B 147 -34.09 16.38 -11.86
N ILE B 148 -33.38 16.77 -10.82
CA ILE B 148 -33.22 18.18 -10.47
C ILE B 148 -32.01 18.82 -11.16
N TRP B 149 -32.06 20.15 -11.30
CA TRP B 149 -31.00 20.88 -11.87
C TRP B 149 -30.55 21.98 -10.89
N ASN B 150 -29.29 21.94 -10.51
CA ASN B 150 -28.73 23.01 -9.76
C ASN B 150 -28.03 23.85 -10.78
N GLU B 151 -28.55 25.07 -10.94
CA GLU B 151 -28.14 25.94 -12.01
C GLU B 151 -26.71 26.38 -11.87
N LEU B 152 -26.13 26.30 -10.65
CA LEU B 152 -24.68 26.55 -10.51
C LEU B 152 -23.76 25.33 -10.60
N HIS B 153 -24.23 24.19 -10.07
CA HIS B 153 -23.33 23.06 -9.78
C HIS B 153 -23.61 21.74 -10.53
N SER B 154 -24.83 21.52 -11.00
CA SER B 154 -25.17 20.19 -11.55
C SER B 154 -24.39 19.82 -12.81
N SER B 155 -24.23 20.75 -13.74
CA SER B 155 -23.41 20.47 -14.93
C SER B 155 -22.02 19.99 -14.53
N ASN B 156 -21.38 20.76 -13.64
CA ASN B 156 -20.01 20.45 -13.21
C ASN B 156 -19.89 19.05 -12.53
N ALA B 157 -20.80 18.75 -11.59
CA ALA B 157 -20.86 17.44 -10.98
C ALA B 157 -21.14 16.31 -12.01
N ALA B 158 -22.10 16.50 -12.91
CA ALA B 158 -22.36 15.46 -13.91
C ALA B 158 -21.10 15.24 -14.82
N ARG B 159 -20.44 16.31 -15.22
CA ARG B 159 -19.24 16.17 -16.03
C ARG B 159 -18.08 15.57 -15.24
N TRP B 160 -18.03 15.87 -13.96
CA TRP B 160 -17.02 15.27 -13.10
C TRP B 160 -17.26 13.74 -12.94
N ALA B 161 -18.51 13.33 -12.76
CA ALA B 161 -18.82 11.91 -12.67
C ALA B 161 -18.33 11.25 -13.96
N ALA B 162 -18.64 11.88 -15.10
CA ALA B 162 -18.37 11.26 -16.37
C ALA B 162 -16.87 11.17 -16.60
N GLY B 163 -16.15 12.27 -16.37
CA GLY B 163 -14.70 12.29 -16.61
C GLY B 163 -13.97 11.35 -15.68
N SER B 164 -14.51 11.11 -14.50
CA SER B 164 -13.86 10.25 -13.50
C SER B 164 -13.99 8.78 -13.78
N VAL B 165 -15.19 8.33 -14.14
CA VAL B 165 -15.35 6.95 -14.58
C VAL B 165 -14.44 6.69 -15.77
N THR B 166 -14.35 7.64 -16.72
CA THR B 166 -13.44 7.55 -17.87
C THR B 166 -11.98 7.50 -17.50
N ASP B 167 -11.57 8.47 -16.68
CA ASP B 167 -10.23 8.50 -16.12
C ASP B 167 -9.85 7.15 -15.45
N LEU B 168 -10.69 6.69 -14.54
CA LEU B 168 -10.46 5.38 -13.88
C LEU B 168 -10.43 4.20 -14.89
N ALA B 169 -11.38 4.16 -15.83
CA ALA B 169 -11.36 3.07 -16.84
C ALA B 169 -10.06 2.99 -17.64
N PHE B 170 -9.52 4.14 -18.06
CA PHE B 170 -8.19 4.23 -18.72
C PHE B 170 -7.00 3.79 -17.90
N LYS B 171 -6.99 4.12 -16.63
CA LYS B 171 -5.91 3.67 -15.73
C LYS B 171 -5.93 2.15 -15.55
N VAL B 172 -7.12 1.57 -15.53
CA VAL B 172 -7.30 0.12 -15.40
C VAL B 172 -7.04 -0.63 -16.70
N ALA B 173 -7.58 -0.08 -17.79
CA ALA B 173 -7.36 -0.66 -19.12
C ALA B 173 -5.86 -0.72 -19.47
N SER B 174 -5.10 0.28 -19.02
CA SER B 174 -3.64 0.27 -19.20
C SER B 174 -2.87 -0.62 -18.20
N ARG B 175 -3.58 -1.23 -17.23
CA ARG B 175 -2.98 -2.05 -16.15
C ARG B 175 -2.04 -1.26 -15.23
N GLU B 176 -2.02 0.07 -15.37
CA GLU B 176 -1.45 0.96 -14.36
C GLU B 176 -2.12 0.64 -13.01
N LEU B 177 -3.45 0.65 -13.00
CA LEU B 177 -4.21 0.11 -11.90
C LEU B 177 -4.79 -1.23 -12.30
N LYS B 178 -5.07 -2.03 -11.28
CA LYS B 178 -5.56 -3.39 -11.42
C LYS B 178 -7.09 -3.43 -11.61
N ASN B 179 -7.80 -2.58 -10.88
CA ASN B 179 -9.24 -2.53 -10.94
C ASN B 179 -9.73 -1.24 -10.26
N GLY B 180 -11.01 -1.01 -10.13
CA GLY B 180 -11.38 0.22 -9.47
C GLY B 180 -12.83 0.32 -9.15
N PHE B 181 -13.19 1.31 -8.35
CA PHE B 181 -14.55 1.55 -7.91
C PHE B 181 -14.71 3.09 -7.90
N ALA B 182 -15.65 3.65 -8.64
CA ALA B 182 -15.85 5.10 -8.64
C ALA B 182 -17.09 5.51 -7.83
N VAL B 183 -16.89 6.31 -6.77
CA VAL B 183 -17.95 6.69 -5.87
C VAL B 183 -18.46 7.99 -6.46
N VAL B 184 -19.30 7.88 -7.49
CA VAL B 184 -19.75 9.03 -8.27
C VAL B 184 -21.24 9.29 -8.15
N ARG B 185 -21.62 10.56 -8.34
CA ARG B 185 -23.00 10.99 -8.48
C ARG B 185 -22.97 12.28 -9.25
N PRO B 186 -24.04 12.61 -9.99
CA PRO B 186 -25.21 11.85 -10.21
C PRO B 186 -24.85 10.58 -11.05
N PRO B 187 -25.74 9.61 -11.04
CA PRO B 187 -25.58 8.38 -11.78
C PRO B 187 -25.78 8.65 -13.30
N GLY B 188 -25.57 7.63 -14.13
CA GLY B 188 -25.51 7.86 -15.55
C GLY B 188 -26.36 6.95 -16.41
N HIS B 189 -26.75 5.76 -15.94
CA HIS B 189 -27.25 4.70 -16.86
C HIS B 189 -28.62 4.92 -17.54
N HIS B 190 -29.41 5.82 -16.99
CA HIS B 190 -30.68 6.18 -17.59
C HIS B 190 -30.57 7.33 -18.65
N ALA B 191 -29.45 7.99 -18.78
CA ALA B 191 -29.31 9.13 -19.65
C ALA B 191 -29.01 8.59 -21.06
N ASP B 192 -29.87 8.91 -22.03
CA ASP B 192 -29.63 8.43 -23.39
C ASP B 192 -29.13 9.56 -24.30
N HIS B 193 -29.07 9.31 -25.61
CA HIS B 193 -28.35 10.23 -26.56
C HIS B 193 -28.83 11.67 -26.38
N SER B 194 -30.14 11.84 -26.19
CA SER B 194 -30.69 13.19 -26.04
C SER B 194 -31.73 13.32 -24.91
N THR B 195 -31.60 12.52 -23.85
CA THR B 195 -32.57 12.59 -22.74
C THR B 195 -31.84 12.52 -21.41
N ALA B 196 -32.12 13.48 -20.52
CA ALA B 196 -31.73 13.40 -19.12
C ALA B 196 -32.95 12.89 -18.43
N MET B 197 -32.79 11.87 -17.59
CA MET B 197 -33.92 11.29 -16.88
C MET B 197 -33.48 10.39 -15.76
N GLY B 198 -34.36 10.19 -14.81
CA GLY B 198 -34.14 9.20 -13.77
C GLY B 198 -32.86 9.47 -13.02
N PHE B 199 -32.71 10.72 -12.60
CA PHE B 199 -31.59 11.29 -11.85
C PHE B 199 -30.27 11.36 -12.65
N CYS B 200 -30.26 11.06 -13.94
CA CYS B 200 -29.01 11.01 -14.71
C CYS B 200 -29.00 12.10 -15.78
N PHE B 201 -27.82 12.63 -16.07
CA PHE B 201 -27.65 13.65 -17.13
C PHE B 201 -26.78 13.22 -18.28
N PHE B 202 -25.65 12.56 -17.94
CA PHE B 202 -24.67 11.98 -18.88
C PHE B 202 -24.45 10.53 -18.47
N ASN B 203 -24.32 9.66 -19.45
CA ASN B 203 -24.03 8.29 -19.20
C ASN B 203 -22.56 8.04 -19.03
N SER B 204 -22.12 8.16 -17.78
CA SER B 204 -20.72 8.04 -17.40
C SER B 204 -20.06 6.75 -17.91
N VAL B 205 -20.74 5.62 -17.67
CA VAL B 205 -20.26 4.29 -18.12
C VAL B 205 -20.25 4.19 -19.68
N ALA B 206 -21.31 4.68 -20.35
CA ALA B 206 -21.29 4.70 -21.85
C ALA B 206 -20.10 5.54 -22.39
N ILE B 207 -19.91 6.72 -21.85
CA ILE B 207 -18.79 7.60 -22.18
C ILE B 207 -17.39 6.98 -22.00
N ALA B 208 -17.16 6.28 -20.88
CA ALA B 208 -15.90 5.61 -20.60
C ALA B 208 -15.73 4.51 -21.59
N CYS B 209 -16.78 3.77 -21.88
CA CYS B 209 -16.72 2.68 -22.85
C CYS B 209 -16.36 3.22 -24.25
N ARG B 210 -17.10 4.19 -24.75
CA ARG B 210 -16.81 4.85 -26.05
C ARG B 210 -15.37 5.36 -26.12
N GLN B 211 -14.93 6.10 -25.09
CA GLN B 211 -13.54 6.60 -25.04
C GLN B 211 -12.45 5.55 -25.03
N LEU B 212 -12.66 4.49 -24.28
CA LEU B 212 -11.80 3.35 -24.35
C LEU B 212 -11.68 2.78 -25.78
N GLN B 213 -12.81 2.69 -26.48
CA GLN B 213 -12.84 2.20 -27.88
C GLN B 213 -12.17 3.18 -28.90
N GLN B 214 -12.48 4.47 -28.83
CA GLN B 214 -11.87 5.43 -29.75
C GLN B 214 -10.35 5.57 -29.56
N GLN B 215 -9.91 5.42 -28.32
CA GLN B 215 -8.50 5.51 -28.02
C GLN B 215 -7.84 4.15 -28.22
N SER B 216 -8.62 3.22 -28.76
CA SER B 216 -8.17 1.85 -29.02
C SER B 216 -7.44 1.23 -27.82
N LYS B 217 -7.97 1.51 -26.64
CA LYS B 217 -7.38 1.08 -25.36
C LYS B 217 -7.91 -0.30 -24.87
N ALA B 218 -9.05 -0.72 -25.45
CA ALA B 218 -9.65 -2.04 -25.21
C ALA B 218 -10.62 -2.30 -26.34
N SER B 219 -10.61 -3.50 -26.91
CA SER B 219 -11.35 -3.71 -28.16
C SER B 219 -12.79 -4.14 -27.90
N LYS B 220 -12.93 -5.13 -27.03
CA LYS B 220 -14.21 -5.74 -26.67
C LYS B 220 -14.54 -5.39 -25.21
N ILE B 221 -15.72 -4.83 -24.98
CA ILE B 221 -16.08 -4.34 -23.63
C ILE B 221 -17.35 -4.97 -23.15
N LEU B 222 -17.30 -5.51 -21.92
CA LEU B 222 -18.52 -6.01 -21.26
C LEU B 222 -19.00 -4.93 -20.28
N ILE B 223 -20.27 -4.57 -20.38
CA ILE B 223 -20.92 -3.72 -19.41
C ILE B 223 -21.96 -4.54 -18.67
N VAL B 224 -21.72 -4.69 -17.35
CA VAL B 224 -22.72 -5.37 -16.49
C VAL B 224 -23.42 -4.32 -15.64
N ASP B 225 -24.74 -4.35 -15.61
CA ASP B 225 -25.48 -3.36 -14.94
C ASP B 225 -26.39 -4.09 -13.92
N TRP B 226 -26.01 -4.18 -12.66
CA TRP B 226 -26.82 -4.88 -11.66
C TRP B 226 -27.73 -3.95 -10.78
N ASP B 227 -27.93 -2.72 -11.25
CA ASP B 227 -28.76 -1.74 -10.58
C ASP B 227 -30.12 -2.33 -10.83
N VAL B 228 -31.03 -2.21 -9.86
CA VAL B 228 -32.36 -2.84 -10.00
C VAL B 228 -33.15 -2.34 -11.21
N HIS B 229 -32.82 -1.15 -11.73
CA HIS B 229 -33.47 -0.61 -12.93
C HIS B 229 -32.66 -0.86 -14.20
N HIS B 230 -33.36 -0.98 -15.34
CA HIS B 230 -32.77 -1.16 -16.64
C HIS B 230 -32.00 0.10 -17.01
N GLY B 231 -30.74 -0.05 -17.40
CA GLY B 231 -30.00 1.09 -17.95
C GLY B 231 -30.40 1.37 -19.40
N ASN B 232 -31.53 2.03 -19.60
CA ASN B 232 -32.09 2.29 -20.90
C ASN B 232 -31.10 3.05 -21.78
N GLY B 233 -30.33 3.96 -21.18
CA GLY B 233 -29.44 4.79 -21.97
C GLY B 233 -28.27 3.97 -22.45
N THR B 234 -27.78 3.07 -21.60
CA THR B 234 -26.64 2.21 -22.02
C THR B 234 -27.05 1.25 -23.16
N GLN B 235 -28.22 0.63 -22.99
CA GLN B 235 -28.79 -0.24 -24.01
C GLN B 235 -28.85 0.43 -25.39
N GLN B 236 -29.40 1.62 -25.42
CA GLN B 236 -29.67 2.38 -26.62
C GLN B 236 -28.37 2.74 -27.28
N THR B 237 -27.43 3.26 -26.51
CA THR B 237 -26.13 3.60 -27.01
C THR B 237 -25.46 2.48 -27.77
N PHE B 238 -25.48 1.27 -27.24
CA PHE B 238 -24.62 0.20 -27.78
C PHE B 238 -25.40 -0.87 -28.52
N TYR B 239 -26.67 -0.58 -28.80
CA TYR B 239 -27.65 -1.52 -29.32
C TYR B 239 -27.25 -2.23 -30.64
N GLN B 240 -26.56 -1.50 -31.51
CA GLN B 240 -26.10 -2.00 -32.83
C GLN B 240 -24.63 -2.38 -32.81
N ASP B 241 -24.00 -2.41 -31.64
CA ASP B 241 -22.52 -2.53 -31.63
C ASP B 241 -22.07 -3.91 -31.07
N PRO B 242 -21.48 -4.79 -31.92
CA PRO B 242 -21.13 -6.11 -31.42
C PRO B 242 -19.82 -6.09 -30.59
N SER B 243 -19.14 -4.96 -30.53
CA SER B 243 -17.91 -4.97 -29.78
C SER B 243 -18.21 -4.55 -28.32
N VAL B 244 -19.50 -4.36 -27.99
CA VAL B 244 -19.96 -4.07 -26.59
C VAL B 244 -21.04 -5.06 -26.24
N LEU B 245 -20.83 -5.79 -25.14
CA LEU B 245 -21.82 -6.67 -24.61
C LEU B 245 -22.37 -6.00 -23.36
N TYR B 246 -23.66 -5.77 -23.39
CA TYR B 246 -24.40 -5.15 -22.31
C TYR B 246 -25.30 -6.21 -21.69
N ILE B 247 -25.11 -6.45 -20.42
CA ILE B 247 -25.97 -7.38 -19.71
C ILE B 247 -26.55 -6.63 -18.52
N SER B 248 -27.88 -6.56 -18.48
CA SER B 248 -28.56 -5.96 -17.41
C SER B 248 -29.38 -7.01 -16.63
N LEU B 249 -29.23 -6.99 -15.32
CA LEU B 249 -30.19 -7.62 -14.39
C LEU B 249 -31.10 -6.51 -13.84
N HIS B 250 -32.41 -6.65 -13.90
CA HIS B 250 -33.25 -5.57 -13.35
C HIS B 250 -34.62 -6.10 -13.10
N ARG B 251 -35.30 -5.52 -12.11
CA ARG B 251 -36.76 -5.72 -11.99
C ARG B 251 -37.49 -5.14 -13.19
N HIS B 252 -38.32 -5.92 -13.86
CA HIS B 252 -38.98 -5.47 -15.07
C HIS B 252 -40.48 -5.60 -14.88
N ASP B 253 -40.87 -6.69 -14.18
CA ASP B 253 -42.26 -6.98 -13.84
C ASP B 253 -43.14 -6.52 -14.98
N ASP B 254 -42.83 -7.03 -16.17
CA ASP B 254 -43.70 -6.89 -17.37
C ASP B 254 -43.95 -5.47 -17.87
N GLY B 255 -43.03 -4.57 -17.53
CA GLY B 255 -43.00 -3.26 -18.16
C GLY B 255 -43.48 -2.16 -17.25
N ASN B 256 -43.65 -2.50 -15.97
CA ASN B 256 -44.28 -1.66 -14.97
C ASN B 256 -43.35 -0.95 -13.99
N PHE B 257 -42.09 -1.35 -13.98
CA PHE B 257 -41.14 -0.79 -13.05
C PHE B 257 -40.28 0.21 -13.81
N PHE B 258 -39.84 1.27 -13.16
CA PHE B 258 -39.05 2.32 -13.84
C PHE B 258 -37.76 1.71 -14.42
N PRO B 259 -37.37 2.12 -15.66
CA PRO B 259 -38.03 3.07 -16.58
C PRO B 259 -39.04 2.47 -17.55
N GLY B 260 -39.32 1.18 -17.41
CA GLY B 260 -40.28 0.47 -18.25
C GLY B 260 -39.71 -0.16 -19.52
N SER B 261 -38.40 -0.04 -19.73
CA SER B 261 -37.71 -0.57 -20.90
C SER B 261 -36.98 -1.88 -20.54
N GLY B 262 -36.38 -2.54 -21.55
CA GLY B 262 -35.42 -3.61 -21.28
C GLY B 262 -36.05 -4.97 -21.05
N ALA B 263 -36.96 -5.29 -21.93
CA ALA B 263 -37.59 -6.60 -21.95
C ALA B 263 -36.67 -7.63 -22.57
N VAL B 264 -36.80 -8.87 -22.10
CA VAL B 264 -35.99 -10.00 -22.54
C VAL B 264 -35.78 -10.07 -24.05
N ASP B 265 -36.81 -9.69 -24.80
CA ASP B 265 -36.83 -9.81 -26.25
C ASP B 265 -35.86 -8.84 -26.90
N GLU B 266 -35.39 -7.85 -26.13
CA GLU B 266 -34.56 -6.77 -26.71
C GLU B 266 -33.10 -7.20 -26.77
N VAL B 267 -32.72 -7.71 -27.94
CA VAL B 267 -31.39 -8.37 -28.18
C VAL B 267 -30.30 -7.54 -28.81
N GLY B 268 -30.61 -6.34 -29.27
CA GLY B 268 -29.67 -5.60 -30.14
C GLY B 268 -30.18 -5.72 -31.56
N ALA B 269 -29.57 -4.97 -32.47
CA ALA B 269 -29.99 -4.97 -33.86
C ALA B 269 -28.77 -4.78 -34.74
N GLY B 270 -28.95 -5.08 -36.02
CA GLY B 270 -27.83 -5.01 -36.98
C GLY B 270 -26.78 -6.03 -36.58
N SER B 271 -25.53 -5.58 -36.66
CA SER B 271 -24.41 -6.40 -36.29
C SER B 271 -24.34 -6.61 -34.78
N GLY B 272 -25.22 -5.92 -34.03
CA GLY B 272 -25.26 -5.96 -32.55
C GLY B 272 -26.29 -6.92 -31.99
N GLU B 273 -26.95 -7.66 -32.88
CA GLU B 273 -27.94 -8.65 -32.49
C GLU B 273 -27.32 -9.72 -31.57
N GLY B 274 -27.91 -9.97 -30.40
CA GLY B 274 -27.32 -10.96 -29.48
C GLY B 274 -26.41 -10.32 -28.45
N PHE B 275 -26.02 -9.08 -28.67
CA PHE B 275 -25.07 -8.46 -27.73
C PHE B 275 -25.73 -7.53 -26.73
N ASN B 276 -27.03 -7.68 -26.57
CA ASN B 276 -27.74 -6.96 -25.54
C ASN B 276 -28.52 -8.03 -24.77
N VAL B 277 -28.17 -8.20 -23.51
CA VAL B 277 -28.79 -9.22 -22.69
C VAL B 277 -29.54 -8.62 -21.47
N ASN B 278 -30.86 -8.79 -21.46
CA ASN B 278 -31.69 -8.27 -20.39
C ASN B 278 -32.18 -9.43 -19.53
N VAL B 279 -31.59 -9.61 -18.39
CA VAL B 279 -32.16 -10.52 -17.40
C VAL B 279 -33.25 -9.69 -16.70
N ALA B 280 -34.42 -9.70 -17.31
CA ALA B 280 -35.57 -8.92 -16.87
C ALA B 280 -36.47 -9.80 -15.98
N TRP B 281 -36.34 -9.58 -14.69
CA TRP B 281 -37.12 -10.35 -13.70
C TRP B 281 -38.59 -10.02 -13.75
N ALA B 282 -39.43 -10.99 -14.11
CA ALA B 282 -40.91 -10.86 -14.04
C ALA B 282 -41.47 -11.50 -12.79
N GLY B 283 -42.70 -11.13 -12.39
CA GLY B 283 -43.41 -11.83 -11.32
C GLY B 283 -43.50 -11.20 -9.92
N GLY B 284 -42.84 -10.08 -9.69
CA GLY B 284 -43.13 -9.29 -8.50
C GLY B 284 -42.21 -9.56 -7.32
N LEU B 285 -42.64 -9.14 -6.13
CA LEU B 285 -41.78 -9.20 -4.96
C LEU B 285 -41.87 -10.48 -4.12
N ASP B 286 -42.85 -11.31 -4.45
CA ASP B 286 -43.19 -12.49 -3.64
C ASP B 286 -43.07 -13.75 -4.48
N PRO B 287 -42.21 -14.70 -4.06
CA PRO B 287 -41.23 -14.75 -2.93
C PRO B 287 -40.04 -13.83 -3.08
N PRO B 288 -39.24 -13.62 -2.01
CA PRO B 288 -38.18 -12.63 -2.04
C PRO B 288 -37.17 -12.81 -3.18
N MET B 289 -36.97 -11.74 -3.97
CA MET B 289 -35.85 -11.69 -4.96
C MET B 289 -34.61 -11.29 -4.24
N GLY B 290 -33.61 -12.16 -4.25
CA GLY B 290 -32.40 -11.99 -3.41
C GLY B 290 -31.19 -12.74 -3.94
N ASP B 291 -30.24 -13.02 -3.06
CA ASP B 291 -29.03 -13.75 -3.39
C ASP B 291 -29.15 -15.03 -4.23
N PRO B 292 -30.00 -16.02 -3.81
CA PRO B 292 -30.13 -17.16 -4.70
C PRO B 292 -30.40 -16.78 -6.15
N GLU B 293 -31.37 -15.90 -6.40
CA GLU B 293 -31.78 -15.49 -7.77
C GLU B 293 -30.65 -14.83 -8.57
N TYR B 294 -29.88 -13.94 -7.93
CA TYR B 294 -28.75 -13.18 -8.49
C TYR B 294 -27.54 -14.11 -8.75
N LEU B 295 -27.36 -15.06 -7.83
CA LEU B 295 -26.29 -16.03 -7.95
C LEU B 295 -26.63 -16.96 -9.11
N ALA B 296 -27.90 -17.31 -9.27
CA ALA B 296 -28.26 -18.16 -10.35
C ALA B 296 -28.19 -17.40 -11.69
N ALA B 297 -28.51 -16.11 -11.67
CA ALA B 297 -28.46 -15.32 -12.89
C ALA B 297 -26.99 -15.25 -13.32
N PHE B 298 -26.06 -15.13 -12.37
CA PHE B 298 -24.63 -15.23 -12.67
C PHE B 298 -24.08 -16.57 -13.24
N ARG B 299 -24.42 -17.70 -12.62
CA ARG B 299 -23.98 -19.03 -13.05
C ARG B 299 -24.53 -19.37 -14.41
N ILE B 300 -25.78 -19.00 -14.64
CA ILE B 300 -26.52 -19.49 -15.81
C ILE B 300 -26.48 -18.59 -17.05
N VAL B 301 -26.44 -17.26 -16.83
CA VAL B 301 -26.51 -16.31 -17.95
C VAL B 301 -25.26 -15.44 -18.05
N VAL B 302 -24.99 -14.66 -17.02
CA VAL B 302 -23.98 -13.60 -17.10
C VAL B 302 -22.57 -14.14 -17.30
N MET B 303 -22.19 -15.12 -16.47
CA MET B 303 -20.86 -15.60 -16.56
C MET B 303 -20.63 -16.48 -17.80
N PRO B 304 -21.56 -17.38 -18.17
CA PRO B 304 -21.28 -18.10 -19.43
C PRO B 304 -21.23 -17.21 -20.67
N ILE B 305 -22.17 -16.27 -20.82
CA ILE B 305 -22.11 -15.32 -21.94
C ILE B 305 -20.86 -14.46 -21.93
N ALA B 306 -20.50 -13.88 -20.78
CA ALA B 306 -19.33 -13.03 -20.72
C ALA B 306 -18.07 -13.80 -21.13
N ARG B 307 -17.99 -15.08 -20.73
CA ARG B 307 -16.88 -15.97 -21.15
C ARG B 307 -16.84 -16.29 -22.63
N GLU B 308 -18.00 -16.57 -23.21
CA GLU B 308 -18.08 -16.74 -24.65
C GLU B 308 -17.66 -15.42 -25.36
N PHE B 309 -18.11 -14.27 -24.82
CA PHE B 309 -17.66 -12.98 -25.39
C PHE B 309 -16.17 -12.74 -25.23
N SER B 310 -15.66 -13.05 -24.04
CA SER B 310 -14.25 -12.81 -23.68
C SER B 310 -13.80 -11.32 -23.81
N PRO B 311 -14.27 -10.42 -22.91
CA PRO B 311 -13.94 -8.98 -22.97
C PRO B 311 -12.51 -8.71 -22.64
N ASP B 312 -12.02 -7.55 -23.10
CA ASP B 312 -10.74 -7.03 -22.74
C ASP B 312 -10.91 -6.15 -21.49
N LEU B 313 -12.14 -5.71 -21.18
CA LEU B 313 -12.35 -4.89 -20.01
C LEU B 313 -13.79 -4.96 -19.57
N VAL B 314 -14.05 -4.89 -18.24
CA VAL B 314 -15.46 -5.02 -17.76
C VAL B 314 -15.79 -3.76 -17.03
N LEU B 315 -16.90 -3.13 -17.41
CA LEU B 315 -17.36 -1.96 -16.69
C LEU B 315 -18.64 -2.39 -15.98
N VAL B 316 -18.84 -1.92 -14.75
CA VAL B 316 -20.03 -2.32 -14.03
C VAL B 316 -20.92 -1.10 -13.71
N SER B 317 -22.20 -1.11 -14.12
CA SER B 317 -23.01 0.01 -13.65
C SER B 317 -23.44 -0.49 -12.24
N ALA B 318 -22.68 -0.12 -11.19
CA ALA B 318 -22.89 -0.79 -9.85
C ALA B 318 -23.88 0.03 -8.97
N GLY B 319 -25.15 -0.07 -9.25
CA GLY B 319 -26.16 0.50 -8.39
C GLY B 319 -26.51 -0.55 -7.32
N PHE B 320 -26.95 -0.06 -6.16
CA PHE B 320 -27.19 -0.93 -5.01
C PHE B 320 -28.62 -0.89 -4.48
N ASP B 321 -29.55 -0.59 -5.39
CA ASP B 321 -30.95 -0.49 -5.10
C ASP B 321 -31.71 -1.79 -5.16
N ALA B 322 -31.02 -2.85 -5.56
CA ALA B 322 -31.52 -4.20 -5.39
C ALA B 322 -31.21 -4.70 -3.96
N ALA B 323 -30.39 -3.97 -3.21
CA ALA B 323 -30.03 -4.37 -1.87
C ALA B 323 -31.24 -4.43 -0.90
N GLU B 324 -31.07 -5.23 0.16
CA GLU B 324 -31.98 -5.31 1.30
C GLU B 324 -31.95 -3.93 1.97
N GLY B 325 -33.12 -3.33 2.11
CA GLY B 325 -33.20 -1.95 2.64
C GLY B 325 -34.04 -1.01 1.79
N HIS B 326 -34.43 -1.45 0.60
CA HIS B 326 -35.17 -0.64 -0.32
C HIS B 326 -36.59 -1.17 -0.38
N PRO B 327 -37.56 -0.42 0.20
CA PRO B 327 -38.94 -0.90 0.16
C PRO B 327 -39.53 -0.78 -1.22
N ALA B 328 -40.48 -1.67 -1.54
CA ALA B 328 -41.28 -1.49 -2.73
C ALA B 328 -41.90 -0.07 -2.77
N PRO B 329 -41.86 0.57 -3.96
CA PRO B 329 -41.05 0.28 -5.16
C PRO B 329 -39.91 1.29 -5.37
N LEU B 330 -39.03 1.36 -4.38
CA LEU B 330 -37.67 1.89 -4.58
C LEU B 330 -36.82 0.71 -5.05
N GLY B 331 -37.41 -0.49 -4.95
CA GLY B 331 -36.70 -1.76 -5.09
C GLY B 331 -37.48 -2.98 -4.62
N GLY B 332 -37.37 -3.32 -3.34
CA GLY B 332 -38.16 -4.41 -2.78
C GLY B 332 -37.53 -5.76 -3.06
N TYR B 333 -36.18 -5.75 -3.12
CA TYR B 333 -35.33 -6.92 -3.36
C TYR B 333 -34.44 -7.01 -2.17
N HIS B 334 -33.78 -8.15 -2.04
CA HIS B 334 -33.16 -8.55 -0.78
C HIS B 334 -31.75 -9.00 -0.98
N VAL B 335 -31.06 -8.42 -1.98
CA VAL B 335 -29.70 -8.85 -2.29
C VAL B 335 -28.82 -8.35 -1.20
N SER B 336 -27.98 -9.25 -0.68
CA SER B 336 -27.09 -8.90 0.42
C SER B 336 -25.80 -8.33 -0.10
N ALA B 337 -25.12 -7.58 0.77
CA ALA B 337 -23.80 -7.04 0.54
C ALA B 337 -22.83 -8.08 0.09
N LYS B 338 -22.92 -9.27 0.70
CA LYS B 338 -21.98 -10.35 0.43
C LYS B 338 -22.14 -10.87 -1.00
N CYS B 339 -23.38 -10.99 -1.47
CA CYS B 339 -23.67 -11.24 -2.86
C CYS B 339 -23.04 -10.21 -3.82
N PHE B 340 -23.39 -8.94 -3.68
CA PHE B 340 -22.70 -7.92 -4.44
C PHE B 340 -21.21 -8.14 -4.49
N GLY B 341 -20.61 -8.40 -3.33
CA GLY B 341 -19.16 -8.56 -3.28
C GLY B 341 -18.70 -9.82 -4.03
N TYR B 342 -19.62 -10.78 -4.14
CA TYR B 342 -19.35 -12.09 -4.78
C TYR B 342 -19.45 -11.94 -6.28
N MET B 343 -20.52 -11.27 -6.73
CA MET B 343 -20.65 -10.77 -8.11
C MET B 343 -19.40 -10.02 -8.59
N THR B 344 -18.84 -9.11 -7.79
CA THR B 344 -17.62 -8.39 -8.14
C THR B 344 -16.52 -9.40 -8.33
N GLN B 345 -16.39 -10.33 -7.39
CA GLN B 345 -15.25 -11.26 -7.40
C GLN B 345 -15.30 -12.17 -8.62
N GLN B 346 -16.49 -12.56 -9.02
CA GLN B 346 -16.69 -13.38 -10.21
C GLN B 346 -16.33 -12.67 -11.54
N LEU B 347 -16.55 -11.35 -11.58
CA LEU B 347 -16.27 -10.52 -12.76
C LEU B 347 -14.78 -10.29 -12.88
N MET B 348 -14.07 -10.31 -11.75
CA MET B 348 -12.62 -10.10 -11.74
C MET B 348 -11.83 -11.24 -12.38
N ASN B 349 -12.45 -12.41 -12.51
CA ASN B 349 -11.90 -13.53 -13.31
C ASN B 349 -11.89 -13.25 -14.80
N LEU B 350 -12.57 -12.19 -15.23
CA LEU B 350 -12.67 -11.85 -16.64
C LEU B 350 -11.66 -10.77 -17.00
N ALA B 351 -11.35 -10.66 -18.28
CA ALA B 351 -10.61 -9.50 -18.79
C ALA B 351 -9.24 -9.37 -18.12
N GLY B 352 -8.60 -10.48 -17.73
CA GLY B 352 -7.35 -10.39 -16.94
C GLY B 352 -7.50 -9.64 -15.63
N GLY B 353 -8.73 -9.58 -15.14
CA GLY B 353 -9.08 -8.75 -13.97
C GLY B 353 -9.24 -7.26 -14.18
N ALA B 354 -9.22 -6.78 -15.45
CA ALA B 354 -9.47 -5.38 -15.70
C ALA B 354 -10.96 -5.02 -15.53
N VAL B 355 -11.35 -4.60 -14.33
CA VAL B 355 -12.77 -4.41 -14.00
C VAL B 355 -12.97 -3.05 -13.31
N VAL B 356 -14.02 -2.29 -13.70
CA VAL B 356 -14.29 -0.97 -13.11
C VAL B 356 -15.72 -0.81 -12.69
N LEU B 357 -15.98 -0.57 -11.40
CA LEU B 357 -17.36 -0.36 -10.93
C LEU B 357 -17.66 1.12 -10.80
N ALA B 358 -18.87 1.53 -11.14
CA ALA B 358 -19.21 2.90 -10.96
C ALA B 358 -20.54 2.86 -10.29
N LEU B 359 -20.74 3.74 -9.32
CA LEU B 359 -21.95 3.76 -8.55
C LEU B 359 -23.06 4.29 -9.41
N GLU B 360 -24.20 3.64 -9.42
CA GLU B 360 -25.31 4.22 -10.09
C GLU B 360 -26.29 4.56 -8.93
N GLY B 361 -27.44 3.91 -8.86
CA GLY B 361 -28.48 4.18 -7.84
C GLY B 361 -28.31 3.42 -6.51
N GLY B 362 -29.33 3.47 -5.67
CA GLY B 362 -29.23 2.97 -4.32
C GLY B 362 -29.19 4.15 -3.37
N HIS B 363 -30.20 4.24 -2.52
CA HIS B 363 -30.23 5.40 -1.62
C HIS B 363 -30.27 5.13 -0.10
N ASP B 364 -30.69 3.93 0.29
CA ASP B 364 -30.58 3.50 1.70
C ASP B 364 -29.13 3.47 2.11
N LEU B 365 -28.72 4.31 3.06
CA LEU B 365 -27.30 4.55 3.25
C LEU B 365 -26.52 3.41 3.84
N THR B 366 -27.14 2.63 4.71
CA THR B 366 -26.39 1.53 5.37
C THR B 366 -26.20 0.43 4.29
N ALA B 367 -27.27 0.13 3.58
CA ALA B 367 -27.31 -0.85 2.49
C ALA B 367 -26.35 -0.55 1.33
N ILE B 368 -26.32 0.70 0.88
CA ILE B 368 -25.32 1.09 -0.13
C ILE B 368 -23.93 1.13 0.45
N CYS B 369 -23.82 1.50 1.73
CA CYS B 369 -22.49 1.49 2.38
C CYS B 369 -21.93 0.07 2.56
N ASP B 370 -22.83 -0.82 2.96
CA ASP B 370 -22.59 -2.27 3.14
C ASP B 370 -22.17 -2.91 1.79
N ALA B 371 -22.95 -2.58 0.74
CA ALA B 371 -22.73 -3.13 -0.59
C ALA B 371 -21.42 -2.62 -1.13
N SER B 372 -21.10 -1.33 -1.01
CA SER B 372 -19.86 -0.73 -1.61
C SER B 372 -18.63 -1.25 -0.95
N GLU B 373 -18.76 -1.38 0.38
CA GLU B 373 -17.70 -1.98 1.19
C GLU B 373 -17.38 -3.42 0.73
N ALA B 374 -18.39 -4.25 0.54
CA ALA B 374 -18.14 -5.63 0.10
C ALA B 374 -17.52 -5.68 -1.31
N CYS B 375 -17.99 -4.80 -2.21
CA CYS B 375 -17.45 -4.73 -3.59
C CYS B 375 -16.01 -4.26 -3.54
N VAL B 376 -15.73 -3.25 -2.73
CA VAL B 376 -14.34 -2.77 -2.60
C VAL B 376 -13.36 -3.74 -1.90
N ALA B 377 -13.82 -4.46 -0.87
CA ALA B 377 -12.99 -5.58 -0.30
C ALA B 377 -12.65 -6.67 -1.36
N ALA B 378 -13.62 -7.01 -2.19
CA ALA B 378 -13.41 -8.04 -3.23
C ALA B 378 -12.37 -7.60 -4.23
N LEU B 379 -12.42 -6.32 -4.61
CA LEU B 379 -11.52 -5.75 -5.59
C LEU B 379 -10.07 -5.76 -5.08
N LEU B 380 -9.92 -5.56 -3.77
CA LEU B 380 -8.66 -5.70 -3.07
C LEU B 380 -8.14 -7.15 -2.93
N GLY B 381 -8.93 -8.12 -3.34
CA GLY B 381 -8.48 -9.49 -3.28
C GLY B 381 -9.10 -10.38 -2.23
N ASN B 382 -9.96 -9.80 -1.40
CA ASN B 382 -10.66 -10.55 -0.37
C ASN B 382 -11.74 -11.41 -0.95
N ARG B 383 -11.73 -12.69 -0.56
CA ARG B 383 -12.56 -13.69 -1.19
C ARG B 383 -13.77 -14.02 -0.34
N VAL B 384 -14.87 -14.28 -1.04
CA VAL B 384 -16.14 -14.61 -0.46
C VAL B 384 -16.28 -16.12 -0.62
N ASP B 385 -16.52 -16.80 0.50
CA ASP B 385 -16.58 -18.25 0.54
C ASP B 385 -18.04 -18.62 0.48
N PRO B 386 -18.48 -19.20 -0.66
CA PRO B 386 -19.89 -19.60 -0.72
C PRO B 386 -20.10 -20.81 0.20
N LEU B 387 -21.33 -21.05 0.62
CA LEU B 387 -21.54 -21.99 1.77
C LEU B 387 -20.85 -21.59 3.11
N SER B 388 -20.31 -20.38 3.21
CA SER B 388 -20.08 -19.75 4.51
C SER B 388 -21.40 -19.07 4.85
N GLU B 389 -22.42 -19.37 4.07
CA GLU B 389 -23.64 -18.62 4.10
C GLU B 389 -24.73 -19.59 3.65
N GLU B 390 -25.43 -20.20 4.62
CA GLU B 390 -26.58 -21.05 4.29
C GLU B 390 -27.58 -20.12 3.65
N GLY B 391 -28.62 -20.63 3.01
CA GLY B 391 -29.46 -19.67 2.29
C GLY B 391 -28.94 -19.41 0.88
N TRP B 392 -27.63 -19.29 0.69
CA TRP B 392 -27.04 -19.52 -0.65
C TRP B 392 -27.13 -21.04 -1.00
N LYS B 393 -27.89 -21.80 -0.20
CA LYS B 393 -28.18 -23.22 -0.44
C LYS B 393 -29.60 -23.36 -0.97
N GLN B 394 -30.39 -22.30 -0.80
CA GLN B 394 -31.76 -22.28 -1.27
C GLN B 394 -31.83 -22.20 -2.79
N LYS B 395 -32.77 -22.94 -3.37
CA LYS B 395 -33.01 -22.90 -4.81
C LYS B 395 -33.63 -21.54 -5.22
N PRO B 396 -33.29 -21.02 -6.44
CA PRO B 396 -33.88 -19.72 -6.82
C PRO B 396 -35.36 -19.91 -6.96
N ASN B 397 -36.11 -18.86 -6.66
CA ASN B 397 -37.55 -18.97 -6.65
C ASN B 397 -38.11 -19.22 -8.05
N LEU B 398 -39.35 -19.69 -8.11
CA LEU B 398 -39.98 -20.00 -9.39
C LEU B 398 -40.07 -18.82 -10.33
N ASN B 399 -40.19 -17.62 -9.77
CA ASN B 399 -40.39 -16.42 -10.58
C ASN B 399 -39.12 -16.13 -11.38
N ALA B 400 -37.98 -16.26 -10.71
CA ALA B 400 -36.66 -16.10 -11.27
C ALA B 400 -36.31 -17.18 -12.31
N ILE B 401 -36.57 -18.45 -11.96
CA ILE B 401 -36.41 -19.57 -12.90
C ILE B 401 -37.09 -19.31 -14.23
N ARG B 402 -38.30 -18.80 -14.18
CA ARG B 402 -38.99 -18.69 -15.43
C ARG B 402 -38.60 -17.40 -16.17
N SER B 403 -38.01 -16.43 -15.44
CA SER B 403 -37.47 -15.21 -16.11
C SER B 403 -36.18 -15.61 -16.87
N LEU B 404 -35.36 -16.40 -16.19
CA LEU B 404 -34.08 -16.84 -16.73
C LEU B 404 -34.35 -17.79 -17.86
N GLU B 405 -35.41 -18.58 -17.71
CA GLU B 405 -35.81 -19.41 -18.82
C GLU B 405 -36.21 -18.60 -20.04
N ALA B 406 -36.84 -17.44 -19.84
CA ALA B 406 -37.15 -16.56 -20.98
C ALA B 406 -35.90 -15.99 -21.66
N VAL B 407 -34.88 -15.70 -20.87
CA VAL B 407 -33.65 -15.15 -21.39
C VAL B 407 -32.99 -16.23 -22.28
N ILE B 408 -33.04 -17.50 -21.84
CA ILE B 408 -32.49 -18.62 -22.59
C ILE B 408 -33.16 -18.81 -23.93
N ARG B 409 -34.50 -18.84 -23.96
CA ARG B 409 -35.19 -19.14 -25.20
C ARG B 409 -34.88 -18.07 -26.23
N VAL B 410 -34.68 -16.84 -25.76
CA VAL B 410 -34.36 -15.74 -26.69
C VAL B 410 -32.88 -15.75 -27.16
N HIS B 411 -31.96 -15.93 -26.21
CA HIS B 411 -30.55 -15.85 -26.52
C HIS B 411 -29.91 -17.16 -27.01
N SER B 412 -30.65 -18.26 -26.89
CA SER B 412 -30.28 -19.50 -27.58
C SER B 412 -30.04 -19.27 -29.10
N LYS B 413 -30.72 -18.30 -29.69
CA LYS B 413 -30.49 -17.92 -31.09
C LYS B 413 -29.04 -17.49 -31.43
N TYR B 414 -28.35 -16.90 -30.45
CA TYR B 414 -27.10 -16.19 -30.60
C TYR B 414 -25.92 -16.80 -29.91
N TRP B 415 -26.12 -17.56 -28.83
CA TRP B 415 -25.00 -17.97 -27.99
C TRP B 415 -24.97 -19.48 -27.76
N GLY B 416 -23.77 -20.07 -27.91
CA GLY B 416 -23.61 -21.53 -27.82
C GLY B 416 -23.96 -22.02 -26.42
N CYS B 417 -23.46 -21.29 -25.41
CA CYS B 417 -23.81 -21.59 -24.02
C CYS B 417 -25.31 -21.49 -23.71
N MET B 418 -26.11 -20.88 -24.58
CA MET B 418 -27.56 -20.77 -24.33
C MET B 418 -28.35 -21.80 -25.14
N GLN B 419 -27.67 -22.55 -26.00
CA GLN B 419 -28.25 -23.53 -26.86
C GLN B 419 -28.27 -24.87 -26.13
N ARG B 420 -29.43 -25.27 -25.65
CA ARG B 420 -29.56 -26.63 -25.17
C ARG B 420 -30.42 -27.55 -26.04
N LEU B 421 -30.09 -28.83 -26.00
CA LEU B 421 -30.95 -29.90 -26.50
C LEU B 421 -32.43 -29.72 -26.10
N THR C 39 8.89 -20.58 -13.54
CA THR C 39 8.64 -19.17 -13.98
C THR C 39 9.91 -18.33 -13.80
N THR C 40 10.12 -17.39 -14.72
CA THR C 40 11.07 -16.29 -14.58
C THR C 40 10.49 -15.09 -13.80
N GLY C 41 11.28 -14.52 -12.88
CA GLY C 41 10.87 -13.29 -12.15
C GLY C 41 11.40 -12.03 -12.85
N LEU C 42 10.64 -10.94 -12.83
CA LEU C 42 11.19 -9.62 -13.21
C LEU C 42 10.93 -8.64 -12.09
N ILE C 43 11.94 -7.83 -11.74
CA ILE C 43 11.71 -6.82 -10.72
C ILE C 43 11.85 -5.45 -11.33
N TYR C 44 10.91 -4.59 -10.95
CA TYR C 44 10.88 -3.20 -11.36
C TYR C 44 9.88 -2.44 -10.49
N ASP C 45 10.20 -1.18 -10.22
CA ASP C 45 9.26 -0.26 -9.58
C ASP C 45 9.70 1.15 -9.95
N SER C 46 8.69 2.00 -10.06
CA SER C 46 8.86 3.35 -10.57
C SER C 46 9.58 4.26 -9.56
N VAL C 47 9.54 3.87 -8.29
CA VAL C 47 10.33 4.49 -7.25
C VAL C 47 11.83 4.70 -7.60
N MET C 48 12.37 3.85 -8.47
CA MET C 48 13.75 3.93 -8.95
C MET C 48 13.95 4.98 -10.06
N LEU C 49 12.88 5.34 -10.76
CA LEU C 49 12.93 6.47 -11.72
C LEU C 49 13.25 7.82 -11.06
N LYS C 50 12.88 7.97 -9.81
CA LYS C 50 12.95 9.25 -9.10
C LYS C 50 14.35 9.74 -8.67
N HIS C 51 15.36 8.86 -8.68
CA HIS C 51 16.78 9.24 -8.45
C HIS C 51 17.15 9.95 -9.74
N GLN C 52 17.28 11.27 -9.69
CA GLN C 52 17.57 12.05 -10.89
C GLN C 52 17.91 13.45 -10.49
N CYS C 53 18.99 13.99 -11.08
CA CYS C 53 19.56 15.26 -10.62
C CYS C 53 18.51 16.37 -10.64
N SER C 54 18.63 17.27 -9.68
CA SER C 54 17.77 18.45 -9.59
C SER C 54 17.85 19.39 -10.83
N CYS C 55 18.99 19.37 -11.58
CA CYS C 55 19.10 20.18 -12.82
C CYS C 55 18.16 19.66 -13.91
N GLY C 56 17.78 18.39 -13.80
CA GLY C 56 16.80 17.79 -14.71
C GLY C 56 17.26 17.57 -16.14
N ASP C 57 18.58 17.54 -16.35
CA ASP C 57 19.20 17.35 -17.67
C ASP C 57 19.81 15.94 -17.83
N ASN C 58 19.14 15.09 -18.60
CA ASN C 58 19.55 13.69 -18.78
C ASN C 58 20.69 13.51 -19.80
N SER C 59 21.24 14.62 -20.29
CA SER C 59 22.38 14.60 -21.23
C SER C 59 23.74 14.98 -20.60
N ARG C 60 23.75 15.41 -19.34
CA ARG C 60 25.03 15.52 -18.62
C ARG C 60 25.17 14.46 -17.54
N HIS C 61 24.07 13.76 -17.28
CA HIS C 61 24.01 12.66 -16.31
C HIS C 61 23.51 11.39 -17.01
N PRO C 62 24.45 10.57 -17.53
CA PRO C 62 24.18 9.39 -18.38
C PRO C 62 23.40 8.26 -17.67
N GLU C 63 23.56 8.16 -16.34
CA GLU C 63 22.83 7.20 -15.52
C GLU C 63 21.45 7.77 -15.14
N HIS C 64 20.48 7.67 -16.04
CA HIS C 64 19.26 8.41 -15.88
C HIS C 64 18.04 7.48 -15.91
N ALA C 65 16.91 8.00 -15.46
CA ALA C 65 15.76 7.16 -15.19
C ALA C 65 15.23 6.47 -16.42
N GLY C 66 15.44 7.02 -17.61
CA GLY C 66 15.04 6.41 -18.88
C GLY C 66 15.69 5.07 -19.21
N ARG C 67 16.85 4.79 -18.58
CA ARG C 67 17.55 3.52 -18.80
C ARG C 67 16.57 2.37 -18.49
N ILE C 68 16.07 2.32 -17.26
CA ILE C 68 15.16 1.26 -16.80
C ILE C 68 13.70 1.34 -17.24
N GLN C 69 13.17 2.55 -17.44
CA GLN C 69 11.81 2.71 -18.01
C GLN C 69 11.75 2.23 -19.46
N SER C 70 12.82 2.46 -20.22
CA SER C 70 12.86 2.00 -21.62
C SER C 70 12.97 0.47 -21.74
N ILE C 71 13.81 -0.15 -20.91
CA ILE C 71 13.88 -1.64 -20.78
C ILE C 71 12.53 -2.27 -20.38
N TRP C 72 11.87 -1.67 -19.39
CA TRP C 72 10.55 -2.14 -18.92
C TRP C 72 9.51 -2.12 -20.02
N SER C 73 9.48 -1.03 -20.78
CA SER C 73 8.53 -0.91 -21.84
C SER C 73 8.86 -1.85 -23.03
N ARG C 74 10.15 -2.07 -23.29
CA ARG C 74 10.57 -3.01 -24.33
C ARG C 74 10.15 -4.45 -24.04
N LEU C 75 10.17 -4.86 -22.76
CA LEU C 75 9.72 -6.20 -22.36
C LEU C 75 8.17 -6.39 -22.44
N GLN C 76 7.42 -5.28 -22.34
CA GLN C 76 5.99 -5.28 -22.67
C GLN C 76 5.77 -5.42 -24.18
N GLU C 77 6.31 -4.45 -24.93
CA GLU C 77 6.20 -4.38 -26.40
C GLU C 77 6.48 -5.69 -27.12
N ARG C 78 7.45 -6.46 -26.61
CA ARG C 78 7.84 -7.73 -27.23
C ARG C 78 7.36 -8.96 -26.43
N GLY C 79 6.37 -8.76 -25.58
CA GLY C 79 5.58 -9.87 -25.02
C GLY C 79 6.19 -10.70 -23.91
N LEU C 80 7.35 -10.29 -23.43
CA LEU C 80 8.09 -11.08 -22.44
C LEU C 80 7.59 -10.87 -21.02
N ARG C 81 7.16 -9.64 -20.68
CA ARG C 81 6.60 -9.35 -19.35
C ARG C 81 5.43 -10.27 -18.98
N SER C 82 4.58 -10.60 -19.96
CA SER C 82 3.43 -11.54 -19.79
C SER C 82 3.82 -12.94 -19.31
N GLN C 83 5.02 -13.39 -19.72
CA GLN C 83 5.53 -14.75 -19.53
C GLN C 83 6.21 -14.91 -18.18
N CYS C 84 6.36 -13.80 -17.47
CA CYS C 84 7.05 -13.76 -16.19
C CYS C 84 6.13 -13.49 -15.00
N GLU C 85 6.66 -13.69 -13.80
CA GLU C 85 6.10 -13.17 -12.57
C GLU C 85 6.68 -11.77 -12.34
N CYS C 86 5.87 -10.72 -12.57
CA CYS C 86 6.33 -9.34 -12.47
C CYS C 86 6.14 -8.76 -11.08
N LEU C 87 7.27 -8.50 -10.42
CA LEU C 87 7.30 -8.18 -8.99
C LEU C 87 7.80 -6.75 -8.76
N ARG C 88 7.48 -6.21 -7.60
CA ARG C 88 7.79 -4.82 -7.28
C ARG C 88 9.12 -4.62 -6.55
N GLY C 89 9.38 -5.42 -5.51
CA GLY C 89 10.61 -5.26 -4.73
C GLY C 89 10.38 -4.54 -3.41
N ARG C 90 11.44 -4.01 -2.82
CA ARG C 90 11.36 -3.37 -1.51
C ARG C 90 12.64 -2.63 -1.15
N LYS C 91 12.57 -1.75 -0.14
CA LYS C 91 13.73 -1.17 0.46
C LYS C 91 14.49 -2.24 1.26
N ALA C 92 15.77 -2.36 0.96
CA ALA C 92 16.68 -3.10 1.79
C ALA C 92 16.55 -2.45 3.15
N SER C 93 16.43 -3.24 4.21
CA SER C 93 16.65 -2.72 5.56
C SER C 93 18.07 -2.20 5.73
N LEU C 94 18.25 -1.29 6.68
CA LEU C 94 19.56 -0.79 7.06
C LEU C 94 20.52 -1.90 7.53
N GLU C 95 19.97 -2.93 8.18
CA GLU C 95 20.76 -4.10 8.63
C GLU C 95 21.23 -4.96 7.45
N GLU C 96 20.41 -5.03 6.38
CA GLU C 96 20.82 -5.66 5.13
C GLU C 96 21.98 -4.85 4.51
N LEU C 97 21.87 -3.54 4.51
CA LEU C 97 22.97 -2.72 4.04
C LEU C 97 24.26 -2.93 4.82
N GLN C 98 24.14 -3.08 6.14
CA GLN C 98 25.26 -3.20 7.06
C GLN C 98 26.04 -4.53 6.90
N SER C 99 25.47 -5.49 6.16
CA SER C 99 26.17 -6.73 5.89
C SER C 99 27.30 -6.54 4.84
N VAL C 100 27.31 -5.38 4.15
CA VAL C 100 28.34 -5.07 3.16
C VAL C 100 29.01 -3.74 3.52
N HIS C 101 28.20 -2.80 4.02
CA HIS C 101 28.59 -1.43 4.19
C HIS C 101 28.78 -0.98 5.62
N SER C 102 29.69 -0.02 5.80
CA SER C 102 30.02 0.52 7.14
C SER C 102 28.78 1.23 7.75
N GLU C 103 28.78 1.48 9.07
CA GLU C 103 27.65 2.13 9.78
C GLU C 103 27.45 3.55 9.27
N ARG C 104 28.52 4.33 9.20
CA ARG C 104 28.48 5.67 8.57
C ARG C 104 27.91 5.67 7.15
N HIS C 105 28.41 4.75 6.32
CA HIS C 105 27.98 4.66 4.94
C HIS C 105 26.48 4.38 4.91
N VAL C 106 26.01 3.47 5.78
CA VAL C 106 24.59 3.08 5.78
C VAL C 106 23.68 4.24 6.23
N LEU C 107 24.10 4.95 7.26
CA LEU C 107 23.40 6.11 7.76
C LEU C 107 23.38 7.29 6.78
N LEU C 108 24.51 7.55 6.11
CA LEU C 108 24.64 8.66 5.14
C LEU C 108 23.81 8.46 3.91
N TYR C 109 23.88 7.28 3.33
CA TYR C 109 23.08 7.00 2.14
C TYR C 109 21.84 6.18 2.46
N GLY C 110 21.74 5.67 3.67
CA GLY C 110 20.69 4.70 4.02
C GLY C 110 19.39 5.42 4.34
N THR C 111 19.56 6.63 4.88
CA THR C 111 18.47 7.42 5.47
C THR C 111 18.47 8.86 4.91
N ASN C 112 17.40 9.63 5.20
CA ASN C 112 17.33 11.09 4.95
C ASN C 112 17.56 11.94 6.23
N LEU C 136 28.51 20.34 -7.06
CA LEU C 136 28.15 19.98 -8.45
C LEU C 136 27.87 21.17 -9.39
N PRO C 137 28.47 21.16 -10.61
CA PRO C 137 28.54 22.39 -11.38
C PRO C 137 27.18 22.82 -11.86
N CYS C 138 26.23 21.88 -11.89
CA CYS C 138 24.87 22.07 -12.45
C CYS C 138 23.87 22.66 -11.46
N GLY C 139 24.32 22.85 -10.22
CA GLY C 139 23.41 23.33 -9.17
C GLY C 139 22.84 22.20 -8.34
N GLY C 140 22.86 21.00 -8.92
CA GLY C 140 22.47 19.78 -8.20
C GLY C 140 23.45 19.42 -7.10
N VAL C 141 23.04 18.51 -6.22
CA VAL C 141 23.93 17.97 -5.18
C VAL C 141 24.46 16.57 -5.59
N GLY C 142 25.65 16.22 -5.08
CA GLY C 142 26.31 14.98 -5.45
C GLY C 142 27.23 14.40 -4.38
N VAL C 143 27.58 13.12 -4.55
CA VAL C 143 28.65 12.53 -3.75
C VAL C 143 30.01 12.85 -4.41
N ASP C 144 30.05 12.77 -5.75
CA ASP C 144 31.17 13.25 -6.55
C ASP C 144 30.63 13.79 -7.86
N THR C 145 31.52 14.23 -8.75
CA THR C 145 31.10 14.84 -10.04
C THR C 145 30.10 14.01 -10.87
N ASP C 146 30.09 12.68 -10.65
CA ASP C 146 29.30 11.73 -11.43
C ASP C 146 28.11 11.16 -10.66
N THR C 147 28.28 11.01 -9.36
CA THR C 147 27.31 10.32 -8.50
C THR C 147 26.36 11.33 -7.84
N ILE C 148 25.18 11.41 -8.43
CA ILE C 148 24.14 12.41 -8.14
C ILE C 148 23.40 12.08 -6.87
N TRP C 149 23.04 13.11 -6.11
CA TRP C 149 22.22 12.93 -4.94
C TRP C 149 20.97 13.81 -4.99
N ASN C 150 19.86 13.16 -5.30
CA ASN C 150 18.54 13.77 -5.18
C ASN C 150 18.08 13.62 -3.75
N GLU C 151 17.91 14.78 -3.12
CA GLU C 151 17.66 14.94 -1.69
C GLU C 151 16.41 14.27 -1.10
N LEU C 152 15.48 13.90 -1.96
CA LEU C 152 14.23 13.29 -1.52
C LEU C 152 14.17 11.79 -1.86
N HIS C 153 14.70 11.43 -3.03
CA HIS C 153 14.46 10.14 -3.65
C HIS C 153 15.65 9.17 -3.71
N SER C 154 16.89 9.67 -3.78
CA SER C 154 18.09 8.84 -4.06
C SER C 154 18.26 7.70 -3.06
N SER C 155 18.31 8.06 -1.79
CA SER C 155 18.32 7.10 -0.69
C SER C 155 17.35 5.96 -0.92
N ASN C 156 16.12 6.32 -1.30
CA ASN C 156 15.02 5.39 -1.54
C ASN C 156 15.22 4.51 -2.79
N ALA C 157 15.72 5.11 -3.87
CA ALA C 157 15.99 4.35 -5.08
C ALA C 157 17.11 3.32 -4.85
N ALA C 158 18.16 3.77 -4.15
CA ALA C 158 19.36 2.99 -3.88
C ALA C 158 19.01 1.79 -3.00
N ARG C 159 18.28 2.04 -1.92
CA ARG C 159 17.79 0.99 -1.02
C ARG C 159 16.79 0.08 -1.69
N TRP C 160 16.11 0.62 -2.71
CA TRP C 160 15.16 -0.16 -3.46
C TRP C 160 15.84 -1.16 -4.37
N ALA C 161 16.73 -0.69 -5.26
CA ALA C 161 17.53 -1.60 -6.09
C ALA C 161 18.13 -2.81 -5.31
N ALA C 162 18.60 -2.56 -4.10
CA ALA C 162 19.30 -3.57 -3.34
C ALA C 162 18.36 -4.52 -2.63
N GLY C 163 17.14 -4.04 -2.34
CA GLY C 163 16.14 -4.86 -1.66
C GLY C 163 15.53 -5.78 -2.66
N SER C 164 15.45 -5.29 -3.89
CA SER C 164 14.80 -5.98 -4.98
C SER C 164 15.67 -7.09 -5.50
N VAL C 165 16.99 -6.83 -5.59
CA VAL C 165 17.92 -7.89 -6.06
C VAL C 165 17.97 -9.00 -5.03
N THR C 166 18.19 -8.63 -3.75
CA THR C 166 18.11 -9.55 -2.61
C THR C 166 16.82 -10.36 -2.62
N ASP C 167 15.69 -9.65 -2.75
CA ASP C 167 14.34 -10.24 -2.78
C ASP C 167 14.25 -11.32 -3.83
N LEU C 168 14.58 -10.96 -5.07
CA LEU C 168 14.49 -11.87 -6.23
C LEU C 168 15.46 -13.03 -6.11
N ALA C 169 16.57 -12.81 -5.45
CA ALA C 169 17.54 -13.87 -5.37
C ALA C 169 17.16 -14.87 -4.26
N PHE C 170 16.43 -14.40 -3.24
CA PHE C 170 15.93 -15.25 -2.15
C PHE C 170 14.81 -16.13 -2.60
N LYS C 171 14.08 -15.68 -3.62
CA LYS C 171 13.01 -16.44 -4.26
C LYS C 171 13.60 -17.49 -5.17
N VAL C 172 14.62 -17.11 -5.93
CA VAL C 172 15.35 -18.07 -6.83
C VAL C 172 16.02 -19.21 -6.03
N ALA C 173 16.59 -18.86 -4.87
CA ALA C 173 17.24 -19.81 -3.98
C ALA C 173 16.23 -20.71 -3.23
N SER C 174 14.96 -20.64 -3.61
CA SER C 174 13.92 -21.46 -3.00
C SER C 174 13.19 -22.22 -4.09
N ARG C 175 13.48 -21.86 -5.33
CA ARG C 175 12.79 -22.40 -6.48
C ARG C 175 11.30 -22.02 -6.42
N GLU C 176 11.02 -20.89 -5.77
CA GLU C 176 9.75 -20.18 -5.90
C GLU C 176 9.73 -19.53 -7.29
N LEU C 177 10.91 -19.14 -7.76
CA LEU C 177 11.15 -18.73 -9.15
C LEU C 177 12.28 -19.59 -9.68
N LYS C 178 12.29 -19.83 -10.99
CA LYS C 178 13.34 -20.61 -11.63
C LYS C 178 14.61 -19.75 -11.72
N ASN C 179 14.42 -18.52 -12.19
CA ASN C 179 15.49 -17.57 -12.38
C ASN C 179 14.87 -16.16 -12.37
N GLY C 180 15.52 -15.20 -13.04
CA GLY C 180 15.02 -13.82 -13.12
C GLY C 180 16.00 -12.67 -13.34
N PHE C 181 15.42 -11.47 -13.42
CA PHE C 181 16.10 -10.25 -13.89
C PHE C 181 15.59 -9.01 -13.15
N ALA C 182 16.50 -8.36 -12.43
CA ALA C 182 16.20 -7.15 -11.67
C ALA C 182 16.53 -5.92 -12.51
N VAL C 183 15.48 -5.22 -12.91
CA VAL C 183 15.59 -4.04 -13.75
C VAL C 183 15.73 -2.89 -12.76
N VAL C 184 16.97 -2.66 -12.31
CA VAL C 184 17.23 -1.74 -11.22
C VAL C 184 18.18 -0.61 -11.56
N ARG C 185 17.98 0.52 -10.89
CA ARG C 185 18.97 1.60 -10.84
C ARG C 185 18.74 2.27 -9.52
N PRO C 186 19.78 2.93 -8.96
CA PRO C 186 21.14 3.09 -9.47
C PRO C 186 21.94 1.75 -9.44
N PRO C 187 23.02 1.65 -10.27
CA PRO C 187 23.85 0.42 -10.24
C PRO C 187 24.58 0.25 -8.88
N GLY C 188 25.25 -0.89 -8.69
CA GLY C 188 25.85 -1.26 -7.41
C GLY C 188 27.32 -1.62 -7.41
N HIS C 189 27.87 -2.08 -8.54
CA HIS C 189 29.15 -2.84 -8.42
C HIS C 189 30.43 -2.02 -8.13
N HIS C 190 30.37 -0.69 -8.21
CA HIS C 190 31.49 0.17 -7.87
C HIS C 190 31.43 0.59 -6.44
N ALA C 191 30.26 0.40 -5.82
CA ALA C 191 30.13 0.62 -4.37
C ALA C 191 30.83 -0.45 -3.49
N ASP C 192 31.59 0.08 -2.53
CA ASP C 192 32.41 -0.73 -1.65
C ASP C 192 32.01 -0.43 -0.21
N HIS C 193 32.62 -1.17 0.71
CA HIS C 193 32.35 -0.97 2.11
C HIS C 193 32.00 0.47 2.50
N SER C 194 32.94 1.40 2.40
CA SER C 194 32.67 2.78 2.79
C SER C 194 32.81 3.80 1.68
N THR C 195 32.50 3.41 0.46
CA THR C 195 32.67 4.29 -0.71
C THR C 195 31.52 4.13 -1.70
N ALA C 196 30.92 5.26 -2.01
CA ALA C 196 29.96 5.40 -3.10
C ALA C 196 30.66 6.06 -4.28
N MET C 197 30.61 5.42 -5.45
CA MET C 197 31.34 5.97 -6.60
C MET C 197 30.79 5.35 -7.82
N GLY C 198 31.02 5.99 -8.95
CA GLY C 198 30.74 5.41 -10.25
C GLY C 198 29.29 5.14 -10.51
N PHE C 199 28.45 6.12 -10.16
CA PHE C 199 27.00 5.97 -10.21
C PHE C 199 26.37 5.01 -9.15
N CYS C 200 27.18 4.51 -8.19
CA CYS C 200 26.79 3.43 -7.25
C CYS C 200 26.84 3.86 -5.82
N PHE C 201 25.84 3.47 -5.03
CA PHE C 201 25.79 3.78 -3.58
C PHE C 201 25.88 2.53 -2.70
N PHE C 202 25.13 1.50 -3.09
CA PHE C 202 25.13 0.28 -2.35
C PHE C 202 25.34 -0.84 -3.33
N ASN C 203 26.13 -1.84 -2.97
CA ASN C 203 26.41 -2.91 -3.91
C ASN C 203 25.29 -3.93 -3.78
N SER C 204 24.33 -3.83 -4.70
CA SER C 204 23.09 -4.57 -4.58
C SER C 204 23.40 -6.07 -4.67
N VAL C 205 24.28 -6.42 -5.59
CA VAL C 205 24.63 -7.83 -5.78
C VAL C 205 25.33 -8.38 -4.56
N ALA C 206 26.28 -7.61 -4.05
CA ALA C 206 27.06 -8.09 -2.94
C ALA C 206 26.12 -8.36 -1.77
N ILE C 207 25.26 -7.38 -1.44
CA ILE C 207 24.32 -7.46 -0.33
C ILE C 207 23.46 -8.72 -0.45
N ALA C 208 22.84 -8.94 -1.57
CA ALA C 208 22.05 -10.10 -1.81
C ALA C 208 22.85 -11.36 -1.42
N CYS C 209 24.10 -11.43 -1.90
CA CYS C 209 25.02 -12.54 -1.65
C CYS C 209 25.23 -12.76 -0.15
N ARG C 210 25.59 -11.69 0.56
CA ARG C 210 25.81 -11.80 2.00
C ARG C 210 24.49 -12.21 2.72
N GLN C 211 23.35 -11.73 2.20
CA GLN C 211 22.04 -12.08 2.77
C GLN C 211 21.73 -13.56 2.60
N LEU C 212 21.91 -14.04 1.36
CA LEU C 212 21.83 -15.46 0.97
C LEU C 212 22.73 -16.43 1.74
N GLN C 213 23.87 -15.95 2.20
CA GLN C 213 24.79 -16.75 2.98
C GLN C 213 24.38 -16.77 4.46
N GLN C 214 23.91 -15.64 4.97
CA GLN C 214 23.57 -15.51 6.39
C GLN C 214 22.27 -16.26 6.75
N GLN C 215 21.40 -16.39 5.76
CA GLN C 215 20.13 -17.11 5.86
C GLN C 215 20.31 -18.55 5.42
N SER C 216 21.55 -18.98 5.30
CA SER C 216 21.87 -20.26 4.66
C SER C 216 20.84 -20.61 3.60
N LYS C 217 20.77 -19.80 2.55
CA LYS C 217 19.93 -20.08 1.39
C LYS C 217 20.74 -20.62 0.19
N ALA C 218 22.07 -20.52 0.30
CA ALA C 218 23.05 -21.10 -0.64
C ALA C 218 24.46 -21.01 -0.05
N SER C 219 25.26 -22.04 -0.29
CA SER C 219 26.55 -22.17 0.39
C SER C 219 27.64 -21.60 -0.52
N LYS C 220 27.59 -22.00 -1.79
CA LYS C 220 28.51 -21.50 -2.85
C LYS C 220 27.83 -20.67 -3.93
N ILE C 221 28.24 -19.40 -4.00
CA ILE C 221 27.76 -18.43 -4.98
C ILE C 221 28.82 -18.03 -6.02
N LEU C 222 28.43 -17.99 -7.29
CA LEU C 222 29.22 -17.39 -8.32
C LEU C 222 28.58 -16.01 -8.64
N ILE C 223 29.44 -14.99 -8.81
CA ILE C 223 29.06 -13.68 -9.35
C ILE C 223 29.84 -13.47 -10.62
N VAL C 224 29.12 -13.37 -11.72
CA VAL C 224 29.68 -13.04 -12.97
C VAL C 224 29.32 -11.60 -13.26
N ASP C 225 30.35 -10.82 -13.56
CA ASP C 225 30.18 -9.41 -13.82
C ASP C 225 30.60 -9.13 -15.25
N TRP C 226 29.65 -9.03 -16.18
CA TRP C 226 30.05 -8.75 -17.56
C TRP C 226 29.87 -7.31 -18.02
N ASP C 227 29.58 -6.44 -17.06
CA ASP C 227 29.64 -5.00 -17.28
C ASP C 227 31.06 -4.73 -17.81
N VAL C 228 31.22 -3.78 -18.70
CA VAL C 228 32.52 -3.46 -19.26
C VAL C 228 33.52 -2.88 -18.22
N HIS C 229 32.99 -2.44 -17.07
CA HIS C 229 33.83 -1.91 -16.01
C HIS C 229 34.04 -2.96 -14.94
N HIS C 230 35.18 -2.87 -14.27
CA HIS C 230 35.49 -3.74 -13.15
C HIS C 230 34.64 -3.42 -11.89
N GLY C 231 34.03 -4.45 -11.30
CA GLY C 231 33.25 -4.32 -10.06
C GLY C 231 34.15 -4.29 -8.84
N ASN C 232 34.83 -3.16 -8.64
CA ASN C 232 35.84 -3.07 -7.59
C ASN C 232 35.25 -3.38 -6.20
N GLY C 233 34.02 -2.90 -5.97
CA GLY C 233 33.31 -3.11 -4.70
C GLY C 233 33.04 -4.56 -4.39
N THR C 234 32.57 -5.28 -5.39
CA THR C 234 32.27 -6.69 -5.33
C THR C 234 33.55 -7.47 -5.10
N GLN C 235 34.60 -7.16 -5.88
CA GLN C 235 35.90 -7.82 -5.71
C GLN C 235 36.38 -7.68 -4.28
N GLN C 236 36.40 -6.44 -3.77
CA GLN C 236 36.92 -6.18 -2.46
C GLN C 236 36.08 -6.85 -1.40
N THR C 237 34.76 -6.82 -1.59
CA THR C 237 33.85 -7.44 -0.61
C THR C 237 34.13 -8.93 -0.37
N PHE C 238 34.39 -9.66 -1.45
CA PHE C 238 34.54 -11.10 -1.36
C PHE C 238 35.99 -11.61 -1.53
N TYR C 239 36.96 -10.73 -1.36
CA TYR C 239 38.38 -11.07 -1.61
C TYR C 239 38.94 -12.19 -0.68
N GLN C 240 38.47 -12.27 0.55
CA GLN C 240 38.98 -13.34 1.44
C GLN C 240 38.06 -14.53 1.55
N ASP C 241 36.97 -14.56 0.79
CA ASP C 241 35.92 -15.56 0.98
C ASP C 241 35.97 -16.62 -0.12
N PRO C 242 36.21 -17.90 0.26
CA PRO C 242 36.23 -18.98 -0.69
C PRO C 242 34.85 -19.51 -1.05
N SER C 243 33.82 -19.09 -0.31
CA SER C 243 32.45 -19.51 -0.67
C SER C 243 31.86 -18.63 -1.75
N VAL C 244 32.56 -17.55 -2.11
CA VAL C 244 32.11 -16.74 -3.24
C VAL C 244 33.19 -16.63 -4.31
N LEU C 245 32.84 -17.01 -5.53
CA LEU C 245 33.65 -16.80 -6.69
C LEU C 245 33.16 -15.60 -7.49
N TYR C 246 34.04 -14.60 -7.61
CA TYR C 246 33.81 -13.48 -8.47
C TYR C 246 34.63 -13.62 -9.73
N ILE C 247 33.92 -13.60 -10.86
CA ILE C 247 34.55 -13.55 -12.13
C ILE C 247 34.06 -12.31 -12.78
N SER C 248 35.02 -11.44 -13.14
CA SER C 248 34.72 -10.23 -13.87
C SER C 248 35.37 -10.18 -15.25
N LEU C 249 34.63 -9.69 -16.25
CA LEU C 249 35.21 -9.43 -17.59
C LEU C 249 35.15 -7.92 -17.75
N HIS C 250 36.24 -7.30 -18.18
CA HIS C 250 36.34 -5.83 -18.15
C HIS C 250 37.47 -5.26 -18.96
N ARG C 251 37.17 -4.14 -19.60
CA ARG C 251 38.18 -3.37 -20.27
C ARG C 251 39.07 -2.81 -19.16
N HIS C 252 40.34 -3.25 -19.16
CA HIS C 252 41.34 -2.85 -18.15
C HIS C 252 42.45 -1.93 -18.73
N ASP C 253 42.89 -2.27 -19.94
CA ASP C 253 43.95 -1.60 -20.71
C ASP C 253 45.09 -1.02 -19.86
N ASP C 254 45.77 -1.90 -19.14
CA ASP C 254 46.91 -1.54 -18.27
C ASP C 254 46.63 -0.52 -17.15
N GLY C 255 45.36 -0.42 -16.75
CA GLY C 255 45.01 0.36 -15.58
C GLY C 255 44.46 1.70 -15.98
N ASN C 256 44.12 1.85 -17.27
CA ASN C 256 43.73 3.12 -17.92
C ASN C 256 42.26 3.28 -18.27
N PHE C 257 41.39 2.53 -17.61
CA PHE C 257 39.97 2.62 -17.84
C PHE C 257 39.27 2.55 -16.48
N PHE C 258 38.20 3.33 -16.33
CA PHE C 258 37.45 3.36 -15.09
C PHE C 258 37.13 1.94 -14.61
N PRO C 259 37.37 1.67 -13.31
CA PRO C 259 37.99 2.55 -12.29
C PRO C 259 39.47 2.34 -11.93
N GLY C 260 40.22 1.59 -12.74
CA GLY C 260 41.69 1.52 -12.60
C GLY C 260 42.14 0.24 -11.91
N SER C 261 41.14 -0.51 -11.42
CA SER C 261 41.31 -1.70 -10.63
C SER C 261 41.05 -2.99 -11.42
N GLY C 262 41.08 -4.12 -10.72
CA GLY C 262 40.84 -5.42 -11.33
C GLY C 262 41.93 -5.99 -12.22
N ALA C 263 43.19 -5.95 -11.81
CA ALA C 263 44.27 -6.53 -12.67
C ALA C 263 44.27 -8.07 -12.60
N VAL C 264 44.71 -8.74 -13.68
CA VAL C 264 44.73 -10.18 -13.74
C VAL C 264 45.38 -10.85 -12.51
N ASP C 265 46.36 -10.16 -11.92
CA ASP C 265 47.16 -10.66 -10.77
C ASP C 265 46.39 -10.81 -9.46
N GLU C 266 45.34 -10.03 -9.28
CA GLU C 266 44.55 -10.05 -8.05
C GLU C 266 43.58 -11.24 -8.08
N VAL C 267 43.87 -12.24 -7.22
CA VAL C 267 43.28 -13.56 -7.23
C VAL C 267 42.52 -13.87 -5.95
N GLY C 268 42.47 -12.90 -5.04
CA GLY C 268 41.87 -13.11 -3.74
C GLY C 268 42.98 -13.38 -2.71
N ALA C 269 42.61 -13.53 -1.44
CA ALA C 269 43.58 -13.71 -0.34
C ALA C 269 43.08 -14.66 0.73
N GLY C 270 44.01 -15.11 1.58
CA GLY C 270 43.72 -16.06 2.65
C GLY C 270 43.05 -17.32 2.11
N SER C 271 41.97 -17.77 2.78
CA SER C 271 41.18 -18.90 2.33
C SER C 271 40.58 -18.63 0.94
N GLY C 272 40.41 -17.36 0.59
CA GLY C 272 39.75 -16.97 -0.68
C GLY C 272 40.72 -16.85 -1.82
N GLU C 273 41.93 -17.40 -1.66
CA GLU C 273 42.96 -17.28 -2.72
C GLU C 273 42.63 -18.15 -3.93
N GLY C 274 42.47 -17.53 -5.11
CA GLY C 274 42.00 -18.30 -6.26
C GLY C 274 40.54 -18.08 -6.68
N PHE C 275 39.75 -17.48 -5.82
CA PHE C 275 38.32 -17.28 -6.09
C PHE C 275 37.99 -15.84 -6.53
N ASN C 276 39.00 -15.12 -6.99
CA ASN C 276 38.75 -13.86 -7.70
C ASN C 276 39.35 -14.00 -9.06
N VAL C 277 38.56 -13.83 -10.11
CA VAL C 277 39.05 -14.04 -11.46
C VAL C 277 38.81 -12.84 -12.36
N ASN C 278 39.90 -12.11 -12.72
CA ASN C 278 39.80 -10.91 -13.54
C ASN C 278 40.24 -11.14 -14.95
N VAL C 279 39.26 -11.31 -15.85
CA VAL C 279 39.49 -11.31 -17.27
C VAL C 279 39.64 -9.87 -17.67
N ALA C 280 40.85 -9.36 -17.46
CA ALA C 280 41.14 -7.97 -17.64
C ALA C 280 41.63 -7.83 -19.05
N TRP C 281 40.85 -7.13 -19.85
CA TRP C 281 41.12 -7.07 -21.28
C TRP C 281 42.16 -6.00 -21.51
N ALA C 282 43.17 -6.30 -22.31
CA ALA C 282 44.21 -5.32 -22.59
C ALA C 282 44.39 -5.09 -24.10
N GLY C 283 45.12 -4.01 -24.41
CA GLY C 283 45.51 -3.62 -25.77
C GLY C 283 44.57 -2.65 -26.45
N GLY C 284 43.84 -1.85 -25.67
CA GLY C 284 42.87 -0.90 -26.24
C GLY C 284 41.78 -1.46 -27.16
N LEU C 285 41.32 -0.59 -28.06
CA LEU C 285 40.05 -0.79 -28.80
C LEU C 285 40.17 -1.39 -30.20
N ASP C 286 41.39 -1.49 -30.69
CA ASP C 286 41.60 -1.99 -32.03
C ASP C 286 42.73 -3.01 -32.00
N PRO C 287 42.47 -4.23 -32.54
CA PRO C 287 41.25 -4.62 -33.26
C PRO C 287 40.01 -4.71 -32.34
N PRO C 288 38.82 -4.85 -32.94
CA PRO C 288 37.68 -4.55 -32.09
C PRO C 288 37.30 -5.71 -31.17
N MET C 289 36.86 -5.36 -29.97
CA MET C 289 36.48 -6.32 -28.93
C MET C 289 34.97 -6.60 -29.02
N GLY C 290 34.61 -7.81 -29.40
CA GLY C 290 33.24 -8.16 -29.74
C GLY C 290 32.84 -9.52 -29.23
N ASP C 291 31.97 -10.19 -29.98
CA ASP C 291 31.42 -11.48 -29.58
C ASP C 291 32.48 -12.62 -29.54
N PRO C 292 33.39 -12.72 -30.55
CA PRO C 292 34.32 -13.90 -30.54
C PRO C 292 35.24 -13.84 -29.33
N GLU C 293 35.56 -12.62 -28.89
CA GLU C 293 36.38 -12.47 -27.67
C GLU C 293 35.63 -12.94 -26.47
N TYR C 294 34.35 -12.55 -26.36
CA TYR C 294 33.52 -12.86 -25.19
C TYR C 294 33.18 -14.35 -25.12
N LEU C 295 32.96 -14.91 -26.30
CA LEU C 295 32.64 -16.31 -26.42
C LEU C 295 33.89 -17.14 -26.08
N ALA C 296 35.04 -16.74 -26.64
CA ALA C 296 36.34 -17.31 -26.19
C ALA C 296 36.51 -17.30 -24.68
N ALA C 297 36.36 -16.13 -24.03
CA ALA C 297 36.41 -16.05 -22.54
C ALA C 297 35.48 -17.03 -21.84
N PHE C 298 34.25 -17.14 -22.32
CA PHE C 298 33.28 -18.08 -21.73
C PHE C 298 33.72 -19.53 -21.96
N ARG C 299 34.07 -19.89 -23.20
CA ARG C 299 34.65 -21.23 -23.47
C ARG C 299 35.88 -21.65 -22.63
N ILE C 300 36.88 -20.76 -22.58
CA ILE C 300 38.21 -21.06 -22.01
C ILE C 300 38.28 -20.80 -20.50
N VAL C 301 37.72 -19.69 -20.05
CA VAL C 301 37.88 -19.30 -18.69
C VAL C 301 36.62 -19.45 -17.82
N VAL C 302 35.51 -18.82 -18.24
CA VAL C 302 34.38 -18.55 -17.33
C VAL C 302 33.64 -19.82 -16.96
N MET C 303 33.21 -20.55 -17.98
CA MET C 303 32.43 -21.79 -17.77
C MET C 303 33.23 -22.98 -17.13
N PRO C 304 34.48 -23.25 -17.60
CA PRO C 304 35.27 -24.28 -16.92
C PRO C 304 35.56 -23.97 -15.42
N ILE C 305 36.02 -22.76 -15.11
CA ILE C 305 36.18 -22.38 -13.72
C ILE C 305 34.85 -22.43 -12.91
N ALA C 306 33.74 -21.98 -13.51
CA ALA C 306 32.43 -22.02 -12.80
C ALA C 306 31.97 -23.44 -12.49
N ARG C 307 32.09 -24.34 -13.46
CA ARG C 307 31.73 -25.76 -13.22
C ARG C 307 32.64 -26.46 -12.24
N GLU C 308 33.92 -26.09 -12.20
CA GLU C 308 34.85 -26.61 -11.19
C GLU C 308 34.48 -26.13 -9.80
N PHE C 309 34.16 -24.83 -9.71
CA PHE C 309 33.57 -24.24 -8.50
C PHE C 309 32.22 -24.89 -8.15
N SER C 310 31.44 -25.22 -9.18
CA SER C 310 30.08 -25.77 -9.04
C SER C 310 29.19 -24.95 -8.08
N PRO C 311 28.72 -23.77 -8.49
CA PRO C 311 28.04 -22.91 -7.51
C PRO C 311 26.62 -23.44 -7.16
N ASP C 312 26.07 -23.09 -5.99
CA ASP C 312 24.65 -23.40 -5.70
C ASP C 312 23.73 -22.31 -6.23
N LEU C 313 24.28 -21.10 -6.44
CA LEU C 313 23.54 -19.97 -7.00
C LEU C 313 24.49 -19.06 -7.79
N VAL C 314 24.02 -18.60 -8.96
CA VAL C 314 24.71 -17.61 -9.82
C VAL C 314 24.05 -16.20 -9.74
N LEU C 315 24.84 -15.16 -9.40
CA LEU C 315 24.42 -13.77 -9.58
C LEU C 315 25.18 -13.14 -10.71
N VAL C 316 24.46 -12.38 -11.52
CA VAL C 316 25.07 -11.69 -12.63
C VAL C 316 24.95 -10.16 -12.43
N SER C 317 26.11 -9.51 -12.32
CA SER C 317 26.18 -8.06 -12.52
C SER C 317 26.06 -7.80 -14.03
N ALA C 318 24.80 -7.75 -14.48
CA ALA C 318 24.54 -7.59 -15.90
C ALA C 318 24.51 -6.10 -16.33
N GLY C 319 25.70 -5.55 -16.58
CA GLY C 319 25.85 -4.25 -17.26
C GLY C 319 25.93 -4.52 -18.75
N PHE C 320 25.45 -3.57 -19.57
CA PHE C 320 25.47 -3.69 -21.04
C PHE C 320 26.24 -2.57 -21.70
N ASP C 321 27.15 -1.93 -20.97
CA ASP C 321 28.08 -0.96 -21.58
C ASP C 321 29.19 -1.56 -22.49
N ALA C 322 29.27 -2.89 -22.57
CA ALA C 322 30.17 -3.54 -23.55
C ALA C 322 29.43 -3.73 -24.88
N ALA C 323 28.12 -3.48 -24.86
CA ALA C 323 27.32 -3.59 -26.07
C ALA C 323 27.70 -2.57 -27.12
N GLU C 324 27.48 -2.95 -28.36
CA GLU C 324 27.61 -2.06 -29.49
C GLU C 324 26.72 -0.87 -29.22
N GLY C 325 27.25 0.32 -29.43
CA GLY C 325 26.47 1.54 -29.29
C GLY C 325 27.04 2.53 -28.29
N HIS C 326 28.06 2.12 -27.55
CA HIS C 326 28.73 2.98 -26.58
C HIS C 326 30.06 3.47 -27.15
N PRO C 327 30.12 4.76 -27.50
CA PRO C 327 31.31 5.38 -28.09
C PRO C 327 32.54 5.26 -27.23
N ALA C 328 33.71 5.40 -27.86
CA ALA C 328 34.99 5.40 -27.15
C ALA C 328 35.26 6.80 -26.58
N PRO C 329 35.50 6.92 -25.26
CA PRO C 329 35.60 5.92 -24.20
C PRO C 329 34.43 5.93 -23.18
N LEU C 330 33.24 5.56 -23.63
CA LEU C 330 32.15 5.22 -22.69
C LEU C 330 32.17 3.69 -22.52
N GLY C 331 32.98 3.06 -23.36
CA GLY C 331 33.04 1.61 -23.48
C GLY C 331 33.87 1.22 -24.69
N GLY C 332 33.27 1.36 -25.88
CA GLY C 332 34.01 1.18 -27.11
C GLY C 332 34.11 -0.26 -27.60
N TYR C 333 33.27 -1.12 -27.04
CA TYR C 333 33.22 -2.54 -27.38
C TYR C 333 32.02 -2.84 -28.32
N HIS C 334 31.97 -4.04 -28.85
CA HIS C 334 30.98 -4.41 -29.85
C HIS C 334 30.29 -5.74 -29.54
N VAL C 335 29.98 -5.97 -28.27
CA VAL C 335 29.27 -7.19 -27.94
C VAL C 335 27.80 -7.10 -28.40
N SER C 336 27.30 -8.17 -29.03
CA SER C 336 25.93 -8.24 -29.57
C SER C 336 24.91 -8.63 -28.51
N ALA C 337 23.66 -8.14 -28.65
CA ALA C 337 22.53 -8.55 -27.79
C ALA C 337 22.45 -10.06 -27.66
N LYS C 338 22.59 -10.73 -28.80
CA LYS C 338 22.53 -12.21 -28.92
C LYS C 338 23.60 -12.94 -28.12
N CYS C 339 24.75 -12.29 -27.93
CA CYS C 339 25.86 -12.77 -27.11
C CYS C 339 25.49 -12.69 -25.65
N PHE C 340 24.96 -11.54 -25.21
CA PHE C 340 24.46 -11.48 -23.84
C PHE C 340 23.39 -12.56 -23.65
N GLY C 341 22.62 -12.81 -24.70
CA GLY C 341 21.62 -13.85 -24.67
C GLY C 341 22.20 -15.25 -24.56
N TYR C 342 23.22 -15.51 -25.36
CA TYR C 342 23.97 -16.77 -25.30
C TYR C 342 24.74 -16.94 -23.97
N MET C 343 25.38 -15.85 -23.52
CA MET C 343 26.06 -15.86 -22.24
C MET C 343 25.12 -16.22 -21.09
N THR C 344 23.90 -15.64 -21.10
CA THR C 344 22.84 -15.98 -20.10
C THR C 344 22.41 -17.46 -20.10
N GLN C 345 22.20 -17.98 -21.30
CA GLN C 345 21.81 -19.38 -21.53
C GLN C 345 22.90 -20.34 -21.00
N GLN C 346 24.16 -20.04 -21.35
CA GLN C 346 25.31 -20.76 -20.78
C GLN C 346 25.30 -20.82 -19.25
N LEU C 347 25.12 -19.67 -18.60
CA LEU C 347 25.10 -19.62 -17.13
C LEU C 347 23.97 -20.42 -16.47
N MET C 348 22.88 -20.64 -17.23
CA MET C 348 21.72 -21.42 -16.76
C MET C 348 21.93 -22.94 -16.66
N ASN C 349 23.06 -23.41 -17.16
CA ASN C 349 23.44 -24.80 -17.03
C ASN C 349 24.05 -25.02 -15.66
N LEU C 350 24.33 -23.90 -14.97
CA LEU C 350 24.96 -23.92 -13.67
C LEU C 350 23.90 -23.84 -12.57
N ALA C 351 24.26 -24.32 -11.37
CA ALA C 351 23.51 -24.16 -10.12
C ALA C 351 22.05 -24.66 -10.17
N GLY C 352 21.77 -25.58 -11.07
CA GLY C 352 20.42 -26.14 -11.18
C GLY C 352 19.47 -25.12 -11.79
N GLY C 353 20.04 -24.23 -12.62
CA GLY C 353 19.27 -23.16 -13.27
C GLY C 353 19.08 -21.90 -12.46
N ALA C 354 19.45 -21.94 -11.18
CA ALA C 354 19.32 -20.81 -10.26
C ALA C 354 20.24 -19.61 -10.59
N VAL C 355 19.76 -18.76 -11.51
CA VAL C 355 20.45 -17.57 -12.04
C VAL C 355 19.60 -16.27 -11.88
N VAL C 356 20.21 -15.20 -11.34
CA VAL C 356 19.60 -13.87 -11.21
C VAL C 356 20.53 -12.81 -11.84
N LEU C 357 20.09 -12.23 -12.97
CA LEU C 357 20.68 -11.02 -13.52
C LEU C 357 20.23 -9.77 -12.74
N ALA C 358 21.17 -8.84 -12.52
CA ALA C 358 20.85 -7.55 -11.89
C ALA C 358 21.50 -6.48 -12.73
N LEU C 359 20.70 -5.49 -13.17
CA LEU C 359 21.16 -4.45 -14.10
C LEU C 359 22.26 -3.68 -13.39
N GLU C 360 23.36 -3.43 -14.10
CA GLU C 360 24.42 -2.54 -13.60
C GLU C 360 24.41 -1.33 -14.54
N GLY C 361 25.44 -1.18 -15.39
CA GLY C 361 25.57 -0.11 -16.35
C GLY C 361 25.10 -0.37 -17.76
N GLY C 362 25.51 0.50 -18.68
CA GLY C 362 25.00 0.57 -20.05
C GLY C 362 24.02 1.74 -20.13
N HIS C 363 24.15 2.57 -21.15
CA HIS C 363 23.24 3.76 -21.28
C HIS C 363 22.73 4.08 -22.70
N ASP C 364 23.28 3.42 -23.71
CA ASP C 364 22.74 3.59 -25.03
C ASP C 364 21.46 2.79 -24.97
N LEU C 365 20.35 3.51 -25.03
CA LEU C 365 19.03 2.94 -24.80
C LEU C 365 18.66 1.78 -25.70
N THR C 366 18.98 1.84 -26.98
CA THR C 366 18.55 0.72 -27.80
C THR C 366 19.42 -0.52 -27.55
N ALA C 367 20.76 -0.36 -27.53
CA ALA C 367 21.68 -1.43 -27.10
C ALA C 367 21.23 -2.16 -25.80
N ILE C 368 20.92 -1.41 -24.74
CA ILE C 368 20.49 -2.00 -23.48
C ILE C 368 19.12 -2.64 -23.48
N CYS C 369 18.26 -2.24 -24.44
CA CYS C 369 16.94 -2.85 -24.62
C CYS C 369 17.07 -4.11 -25.46
N ASP C 370 17.77 -4.01 -26.59
CA ASP C 370 18.18 -5.19 -27.34
C ASP C 370 18.78 -6.30 -26.45
N ALA C 371 19.67 -5.92 -25.51
CA ALA C 371 20.40 -6.92 -24.71
C ALA C 371 19.63 -7.45 -23.52
N SER C 372 18.82 -6.60 -22.87
CA SER C 372 17.89 -7.05 -21.82
C SER C 372 16.87 -8.04 -22.39
N GLU C 373 16.30 -7.68 -23.54
CA GLU C 373 15.33 -8.53 -24.24
C GLU C 373 15.89 -9.94 -24.47
N ALA C 374 17.06 -10.01 -25.11
CA ALA C 374 17.80 -11.28 -25.32
C ALA C 374 17.99 -12.08 -24.01
N CYS C 375 18.43 -11.43 -22.94
CA CYS C 375 18.61 -12.07 -21.62
C CYS C 375 17.30 -12.61 -21.00
N VAL C 376 16.24 -11.80 -21.05
CA VAL C 376 14.97 -12.27 -20.50
C VAL C 376 14.45 -13.41 -21.35
N ALA C 377 14.62 -13.29 -22.67
CA ALA C 377 14.21 -14.35 -23.57
C ALA C 377 14.88 -15.65 -23.13
N ALA C 378 16.22 -15.59 -23.01
CA ALA C 378 17.05 -16.76 -22.66
C ALA C 378 16.64 -17.34 -21.34
N LEU C 379 16.33 -16.45 -20.40
CA LEU C 379 15.84 -16.87 -19.09
C LEU C 379 14.56 -17.73 -19.15
N LEU C 380 13.75 -17.52 -20.20
CA LEU C 380 12.45 -18.20 -20.34
C LEU C 380 12.59 -19.58 -20.99
N GLY C 381 13.83 -20.04 -21.18
CA GLY C 381 14.08 -21.36 -21.76
C GLY C 381 14.21 -21.34 -23.28
N ASN C 382 14.31 -20.14 -23.83
CA ASN C 382 14.63 -19.93 -25.22
C ASN C 382 16.13 -20.14 -25.41
N ARG C 383 16.50 -20.73 -26.55
CA ARG C 383 17.90 -21.11 -26.81
C ARG C 383 18.43 -20.40 -28.04
N VAL C 384 19.72 -20.10 -28.03
CA VAL C 384 20.41 -19.39 -29.12
C VAL C 384 21.29 -20.40 -29.86
N ASP C 385 21.16 -20.46 -31.19
CA ASP C 385 21.95 -21.37 -32.02
C ASP C 385 23.27 -20.69 -32.39
N PRO C 386 24.42 -21.24 -31.93
CA PRO C 386 25.73 -20.64 -32.18
C PRO C 386 26.20 -20.76 -33.63
N LEU C 387 25.53 -21.60 -34.41
CA LEU C 387 25.87 -21.80 -35.82
C LEU C 387 25.14 -20.82 -36.76
N SER C 388 24.26 -19.99 -36.19
CA SER C 388 23.42 -19.09 -36.97
C SER C 388 24.07 -17.73 -37.28
N GLU C 389 25.23 -17.48 -36.69
CA GLU C 389 25.95 -16.23 -36.87
C GLU C 389 27.32 -16.48 -37.51
N GLU C 390 27.55 -15.88 -38.68
CA GLU C 390 28.82 -16.09 -39.37
C GLU C 390 29.95 -15.43 -38.63
N GLY C 391 29.59 -14.41 -37.84
CA GLY C 391 30.57 -13.63 -37.09
C GLY C 391 31.13 -14.33 -35.86
N TRP C 392 30.43 -15.38 -35.38
CA TRP C 392 30.83 -16.16 -34.22
C TRP C 392 31.79 -17.30 -34.58
N LYS C 393 32.10 -17.42 -35.86
CA LYS C 393 32.95 -18.48 -36.34
C LYS C 393 34.38 -17.97 -36.48
N GLN C 394 34.52 -16.67 -36.69
CA GLN C 394 35.83 -16.07 -36.86
C GLN C 394 36.62 -15.93 -35.54
N LYS C 395 37.93 -15.70 -35.66
CA LYS C 395 38.85 -15.86 -34.53
C LYS C 395 38.97 -14.62 -33.63
N PRO C 396 39.05 -14.86 -32.30
CA PRO C 396 39.31 -13.77 -31.35
C PRO C 396 40.60 -13.01 -31.72
N ASN C 397 40.61 -11.70 -31.51
CA ASN C 397 41.79 -10.87 -31.84
C ASN C 397 42.97 -11.16 -30.93
N LEU C 398 44.15 -10.67 -31.28
CA LEU C 398 45.34 -11.11 -30.61
C LEU C 398 45.44 -10.47 -29.22
N ASN C 399 45.00 -9.22 -29.11
CA ASN C 399 44.87 -8.58 -27.78
C ASN C 399 44.08 -9.42 -26.78
N ALA C 400 43.00 -10.04 -27.25
CA ALA C 400 42.18 -10.85 -26.41
C ALA C 400 42.84 -12.18 -26.09
N ILE C 401 43.45 -12.79 -27.09
CA ILE C 401 44.22 -14.00 -26.85
C ILE C 401 45.23 -13.79 -25.72
N ARG C 402 46.03 -12.73 -25.88
CA ARG C 402 47.13 -12.42 -24.96
C ARG C 402 46.58 -12.11 -23.58
N SER C 403 45.39 -11.46 -23.52
CA SER C 403 44.71 -11.23 -22.20
C SER C 403 44.28 -12.52 -21.57
N LEU C 404 43.79 -13.49 -22.38
CA LEU C 404 43.32 -14.81 -21.83
C LEU C 404 44.50 -15.65 -21.35
N GLU C 405 45.56 -15.63 -22.16
CA GLU C 405 46.81 -16.30 -21.80
C GLU C 405 47.28 -15.85 -20.41
N ALA C 406 47.19 -14.54 -20.12
CA ALA C 406 47.53 -13.97 -18.81
C ALA C 406 46.71 -14.60 -17.68
N VAL C 407 45.37 -14.61 -17.82
CA VAL C 407 44.44 -15.26 -16.88
C VAL C 407 44.78 -16.72 -16.58
N ILE C 408 44.94 -17.51 -17.63
CA ILE C 408 45.40 -18.93 -17.55
C ILE C 408 46.73 -19.13 -16.78
N ARG C 409 47.71 -18.33 -17.13
CA ARG C 409 49.02 -18.28 -16.46
C ARG C 409 48.85 -18.07 -14.95
N VAL C 410 48.02 -17.09 -14.61
CA VAL C 410 47.81 -16.73 -13.21
C VAL C 410 46.97 -17.82 -12.50
N HIS C 411 45.89 -18.24 -13.16
CA HIS C 411 44.93 -19.18 -12.53
C HIS C 411 45.26 -20.65 -12.64
N SER C 412 46.28 -20.97 -13.44
CA SER C 412 46.84 -22.34 -13.54
C SER C 412 47.12 -22.90 -12.17
N LYS C 413 47.56 -22.02 -11.29
CA LYS C 413 47.87 -22.31 -9.90
C LYS C 413 46.68 -22.80 -9.04
N TYR C 414 45.46 -22.37 -9.36
CA TYR C 414 44.33 -22.57 -8.44
C TYR C 414 43.20 -23.49 -8.95
N TRP C 415 43.13 -23.62 -10.28
CA TRP C 415 42.07 -24.32 -10.96
C TRP C 415 42.69 -25.37 -11.87
N GLY C 416 42.32 -26.64 -11.66
CA GLY C 416 42.72 -27.77 -12.54
C GLY C 416 42.45 -27.50 -14.02
N CYS C 417 41.30 -26.88 -14.32
CA CYS C 417 40.92 -26.51 -15.70
C CYS C 417 41.81 -25.43 -16.36
N MET C 418 42.64 -24.75 -15.57
CA MET C 418 43.57 -23.76 -16.09
C MET C 418 45.04 -24.27 -16.03
N GLN C 419 45.24 -25.50 -15.56
CA GLN C 419 46.60 -26.05 -15.48
C GLN C 419 47.08 -26.53 -16.87
#